data_1ASJ
#
_entry.id   1ASJ
#
_cell.length_a   320.150
_cell.length_b   355.550
_cell.length_c   377.800
_cell.angle_alpha   90.00
_cell.angle_beta   90.00
_cell.angle_gamma   90.00
#
_symmetry.space_group_name_H-M   'P 21 21 2'
#
loop_
_entity.id
_entity.type
_entity.pdbx_description
1 polymer 'P1/MAHONEY POLIOVIRUS'
2 polymer 'P1/MAHONEY POLIOVIRUS'
3 polymer 'P1/MAHONEY POLIOVIRUS'
4 polymer 'P1/MAHONEY POLIOVIRUS'
5 polymer 'P1/MAHONEY POLIOVIRUS'
6 non-polymer SPHINGOSINE
7 non-polymer 'MYRISTIC ACID'
8 water water
#
loop_
_entity_poly.entity_id
_entity_poly.type
_entity_poly.pdbx_seq_one_letter_code
_entity_poly.pdbx_strand_id
1 'polypeptide(L)' GSSST 0
2 'polypeptide(L)'
;GLGQMLESMIDNTVRETVGAATSRDALPNTEASGPTHSKEIPALTAVETGATNPLVPSDTVQTRHVVQHRSRSESSIESF
FARGACVTIMTVDNPASTTNKDKLFAVWKITYKDTVQLRRKLEFFTYSRFDMELTFVVTANFTETNNGHALNQVYQIMYV
PPGAPVPEKWDDYTWQTSSNPSIFYTYGTAPARISVPYVGISNAYSHFYDGFSKVPLKDQSAALGDSLYGAASLNDFGIL
AVRVVNDHNPTKVTSKIRVYLKPKHIRVWCPRPPRAVAYYGPGVDYKDGTLTPLSTKDLTTY
;
1
3 'polypeptide(L)'
;SPNIEACGYSDRVLQLTLGNSTITTQEAANSVVAYGRWPEYLRDSEANPVDQPTEPDVAACRFYTLDTVSWTKESRGWWW
KLPDALRDMGLFGQNMYYHYLGRSGYTVHVQCNASKFHQGALGVFAVPEMCLAGDSNTTTMHTSYQNANPGEKGGTFTGT
FTPDNNQTSPARRFCPVDYLLGNGTLLGNAFVFPHQIINLRTNNCATLVLPYVNSLSIDSMVKHNNWGIAILPLAPLNFA
SESSPEIPITLTIAPMCCEFNGLRNITLPRLQ
;
2
4 'polypeptide(L)'
;GLPVMNTPGSNQYLTADNFQSPCALPEFDVTPPIDIPGEVKNMMELAEIDTMIPFDLSATKKNTMEMYRVRLSDKPHTDD
PILCLSLSPASDPRLSHTMLGEILNYYTHWAGSLKFTFLFCGSMMATGKLLVSYAPPGADPPKKRKEAMLGTHVIWDIGL
QSSCTMVVPWISNTTYRQTIDDSFTEGGYISVFYQTRIVVPLSTPREMDILGFVSACNDFSVRLLRDTTHIEQKALAQ
;
3
5 'polypeptide(L)' GAQVSSQKVGAHENSNRAYGGSTINYTTINYYRDSASNAASKQDFSQDPSKFTEPIKDVLIKTAPMLN 4
#
loop_
_chem_comp.id
_chem_comp.type
_chem_comp.name
_chem_comp.formula
MYR non-polymer 'MYRISTIC ACID' 'C14 H28 O2'
SPH non-polymer SPHINGOSINE 'C18 H37 N O2'
#
# COMPACT_ATOMS: atom_id res chain seq x y z
N GLY A 1 -10.94 -0.37 41.55
CA GLY A 1 -10.01 0.37 42.41
C GLY A 1 -8.79 0.95 41.67
N SER A 2 -7.88 0.04 41.36
CA SER A 2 -6.69 0.29 40.55
C SER A 2 -6.22 -0.92 39.74
N SER A 3 -5.84 -0.71 38.50
CA SER A 3 -5.14 -1.71 37.67
C SER A 3 -3.75 -1.15 37.41
N SER A 4 -2.68 -1.90 37.53
CA SER A 4 -1.33 -1.38 37.31
C SER A 4 -0.49 -2.08 36.24
N THR A 5 -0.31 -1.40 35.12
CA THR A 5 0.52 -1.81 33.97
C THR A 5 1.89 -1.10 33.86
N ALA B 20 4.22 -10.35 22.80
CA ALA B 20 4.74 -9.52 23.88
C ALA B 20 5.82 -8.50 23.48
N ALA B 21 6.39 -8.56 22.26
CA ALA B 21 7.27 -7.48 21.83
C ALA B 21 6.41 -6.24 21.61
N THR B 22 6.71 -5.16 22.29
CA THR B 22 5.92 -3.99 22.12
C THR B 22 6.56 -2.90 21.26
N SER B 23 5.73 -2.06 20.69
CA SER B 23 6.16 -0.90 19.89
C SER B 23 7.24 -0.04 20.55
N ARG B 24 7.27 0.14 21.87
CA ARG B 24 8.38 0.91 22.44
C ARG B 24 9.60 0.14 22.87
N ASP B 25 9.64 -1.18 22.68
CA ASP B 25 10.87 -1.92 22.98
C ASP B 25 12.09 -1.57 22.16
N ALA B 26 13.29 -1.61 22.72
CA ALA B 26 14.49 -1.34 21.93
C ALA B 26 14.71 -2.39 20.86
N LEU B 27 15.16 -1.96 19.69
CA LEU B 27 15.49 -2.92 18.63
C LEU B 27 16.69 -3.80 19.00
N PRO B 28 16.97 -4.91 18.34
CA PRO B 28 18.12 -5.76 18.59
C PRO B 28 19.49 -5.16 18.57
N ASN B 29 20.26 -5.61 19.55
CA ASN B 29 21.67 -5.27 19.63
C ASN B 29 22.48 -5.75 18.46
N THR B 30 23.46 -4.94 18.08
CA THR B 30 24.41 -5.46 17.08
C THR B 30 25.38 -6.33 17.86
N GLU B 31 25.55 -7.51 17.34
CA GLU B 31 26.50 -8.44 17.90
C GLU B 31 27.85 -8.35 17.22
N ALA B 32 28.94 -8.35 17.97
CA ALA B 32 30.27 -8.36 17.37
C ALA B 32 30.54 -9.61 16.52
N SER B 33 31.05 -9.39 15.32
CA SER B 33 31.44 -10.49 14.47
C SER B 33 32.74 -10.22 13.75
N GLY B 34 33.53 -11.29 13.67
CA GLY B 34 34.85 -11.29 13.08
C GLY B 34 35.00 -11.76 11.65
N PRO B 35 36.23 -12.11 11.21
CA PRO B 35 36.47 -12.55 9.84
C PRO B 35 35.85 -13.90 9.54
N THR B 36 35.57 -14.12 8.26
CA THR B 36 34.90 -15.33 7.83
C THR B 36 35.41 -15.87 6.50
N HIS B 37 35.49 -17.20 6.40
CA HIS B 37 35.91 -17.89 5.19
C HIS B 37 35.14 -19.21 5.10
N SER B 38 33.91 -19.30 4.60
CA SER B 38 33.16 -20.56 4.62
C SER B 38 32.21 -20.84 3.46
N LYS B 39 31.45 -21.93 3.49
CA LYS B 39 30.40 -22.18 2.52
C LYS B 39 29.05 -21.51 2.79
N GLU B 40 28.93 -20.80 3.90
CA GLU B 40 27.71 -20.08 4.19
C GLU B 40 27.73 -18.79 3.40
N ILE B 41 26.71 -18.66 2.60
CA ILE B 41 26.57 -17.53 1.69
C ILE B 41 25.39 -16.57 1.90
N PRO B 42 25.33 -15.84 3.02
CA PRO B 42 24.27 -14.88 3.29
C PRO B 42 24.11 -13.80 2.19
N ALA B 43 25.20 -13.30 1.63
CA ALA B 43 25.12 -12.25 0.63
C ALA B 43 24.46 -12.65 -0.69
N LEU B 44 24.60 -13.92 -1.05
CA LEU B 44 24.02 -14.44 -2.27
C LEU B 44 22.58 -14.79 -2.03
N THR B 45 21.69 -14.42 -2.93
CA THR B 45 20.28 -14.73 -2.75
C THR B 45 19.51 -14.82 -4.07
N ALA B 46 18.16 -14.85 -4.09
CA ALA B 46 17.38 -14.90 -5.32
C ALA B 46 15.99 -14.26 -5.18
N VAL B 47 15.85 -12.99 -5.56
CA VAL B 47 14.60 -12.24 -5.35
C VAL B 47 13.39 -12.72 -6.13
N GLU B 48 13.60 -13.61 -7.08
CA GLU B 48 12.50 -14.22 -7.84
C GLU B 48 11.57 -14.96 -6.91
N THR B 49 12.12 -15.50 -5.81
CA THR B 49 11.31 -16.23 -4.84
C THR B 49 10.20 -15.38 -4.25
N GLY B 50 10.38 -14.08 -4.23
CA GLY B 50 9.39 -13.18 -3.68
C GLY B 50 9.74 -12.72 -2.27
N ALA B 51 10.80 -13.29 -1.71
CA ALA B 51 11.27 -12.90 -0.39
C ALA B 51 12.42 -11.89 -0.39
N THR B 52 12.53 -11.12 0.68
CA THR B 52 13.61 -10.17 0.87
C THR B 52 14.65 -10.81 1.79
N ASN B 53 15.91 -10.80 1.42
CA ASN B 53 16.98 -11.39 2.21
C ASN B 53 17.09 -10.82 3.63
N PRO B 54 16.96 -11.57 4.74
CA PRO B 54 16.79 -11.03 6.09
C PRO B 54 18.18 -10.61 6.62
N LEU B 55 19.00 -9.85 5.91
CA LEU B 55 20.34 -9.63 6.43
C LEU B 55 20.52 -8.48 7.42
N VAL B 56 21.56 -8.61 8.20
CA VAL B 56 22.00 -7.63 9.17
C VAL B 56 23.50 -7.35 8.92
N PRO B 57 24.07 -6.18 9.29
CA PRO B 57 25.46 -5.86 9.00
C PRO B 57 26.51 -6.93 9.32
N SER B 58 26.37 -7.63 10.45
CA SER B 58 27.31 -8.72 10.77
C SER B 58 27.34 -9.86 9.77
N ASP B 59 26.46 -9.88 8.78
CA ASP B 59 26.49 -10.87 7.74
C ASP B 59 27.47 -10.57 6.63
N THR B 60 27.76 -9.30 6.38
CA THR B 60 28.66 -8.99 5.28
C THR B 60 29.82 -8.12 5.68
N VAL B 61 29.84 -7.56 6.90
CA VAL B 61 31.05 -6.88 7.38
C VAL B 61 31.42 -7.31 8.79
N GLN B 62 32.59 -6.92 9.29
CA GLN B 62 32.91 -7.18 10.69
C GLN B 62 32.26 -6.12 11.55
N THR B 63 31.58 -6.58 12.56
CA THR B 63 30.92 -5.68 13.49
C THR B 63 31.46 -5.66 14.91
N ARG B 64 31.13 -4.58 15.60
CA ARG B 64 31.37 -4.50 17.01
C ARG B 64 30.05 -4.76 17.73
N HIS B 65 30.15 -4.92 19.04
CA HIS B 65 28.99 -5.06 19.85
C HIS B 65 28.41 -3.68 20.20
N VAL B 66 27.15 -3.51 19.88
CA VAL B 66 26.45 -2.29 20.26
C VAL B 66 25.17 -2.61 21.03
N VAL B 67 24.95 -1.94 22.15
CA VAL B 67 23.71 -2.08 22.88
C VAL B 67 22.73 -1.03 22.34
N GLN B 68 21.82 -1.53 21.54
CA GLN B 68 20.83 -0.75 20.86
C GLN B 68 19.67 -0.21 21.73
N HIS B 69 19.47 1.08 21.73
CA HIS B 69 18.42 1.73 22.51
C HIS B 69 17.20 2.17 21.71
N ARG B 70 17.43 2.52 20.45
CA ARG B 70 16.34 2.95 19.58
C ARG B 70 15.13 2.03 19.53
N SER B 71 13.95 2.58 19.32
CA SER B 71 12.73 1.81 19.25
C SER B 71 11.84 2.25 18.08
N ARG B 72 10.84 1.45 17.69
CA ARG B 72 9.92 1.82 16.62
C ARG B 72 8.62 2.41 17.15
N SER B 73 8.62 2.93 18.38
CA SER B 73 7.42 3.48 19.01
C SER B 73 6.63 4.48 18.19
N GLU B 74 7.29 5.40 17.49
CA GLU B 74 6.51 6.39 16.78
C GLU B 74 6.01 5.95 15.40
N SER B 75 6.45 4.80 14.88
CA SER B 75 5.91 4.30 13.61
C SER B 75 4.95 3.15 13.79
N SER B 76 4.49 2.87 15.00
CA SER B 76 3.37 1.94 15.15
C SER B 76 2.17 2.46 14.39
N ILE B 77 1.25 1.63 13.85
CA ILE B 77 0.09 2.16 13.12
C ILE B 77 -0.64 3.26 13.88
N GLU B 78 -0.95 3.03 15.16
CA GLU B 78 -1.58 4.02 16.00
C GLU B 78 -0.81 5.33 16.00
N SER B 79 0.51 5.29 16.28
CA SER B 79 1.32 6.52 16.30
C SER B 79 1.42 7.23 14.96
N PHE B 80 1.54 6.48 13.85
CA PHE B 80 1.54 7.03 12.52
C PHE B 80 0.27 7.80 12.20
N PHE B 81 -0.86 7.31 12.72
CA PHE B 81 -2.12 8.01 12.49
C PHE B 81 -2.59 8.94 13.59
N ALA B 82 -1.92 9.04 14.72
CA ALA B 82 -2.45 9.75 15.90
C ALA B 82 -2.48 11.28 15.84
N ARG B 83 -3.20 11.80 14.84
CA ARG B 83 -3.23 13.21 14.49
C ARG B 83 -4.55 13.61 13.87
N GLY B 84 -5.16 14.75 14.21
CA GLY B 84 -6.34 15.23 13.53
C GLY B 84 -5.96 15.83 12.16
N ALA B 85 -6.62 15.39 11.09
CA ALA B 85 -6.37 15.90 9.76
C ALA B 85 -7.56 16.65 9.18
N CYS B 86 -7.44 17.86 8.59
CA CYS B 86 -8.63 18.50 7.99
C CYS B 86 -9.18 17.70 6.83
N VAL B 87 -10.47 17.44 6.84
CA VAL B 87 -11.09 16.70 5.74
C VAL B 87 -12.11 17.53 4.98
N THR B 88 -12.60 18.62 5.57
CA THR B 88 -13.51 19.51 4.83
C THR B 88 -13.67 20.89 5.45
N ILE B 89 -14.07 21.84 4.64
CA ILE B 89 -14.38 23.19 5.11
C ILE B 89 -15.82 23.49 4.67
N MET B 90 -16.70 23.60 5.63
CA MET B 90 -18.11 23.88 5.36
C MET B 90 -18.43 25.37 5.46
N THR B 91 -19.17 25.94 4.52
CA THR B 91 -19.55 27.34 4.61
C THR B 91 -21.01 27.60 4.91
N VAL B 92 -21.25 28.43 5.91
CA VAL B 92 -22.61 28.87 6.26
C VAL B 92 -22.65 30.38 6.43
N ASP B 93 -23.86 30.94 6.44
CA ASP B 93 -24.01 32.35 6.78
C ASP B 93 -25.31 32.63 7.51
N ASN B 94 -25.48 33.88 7.86
CA ASN B 94 -26.73 34.36 8.42
C ASN B 94 -26.88 35.78 7.87
N PRO B 95 -27.75 36.01 6.88
CA PRO B 95 -27.79 37.27 6.15
C PRO B 95 -28.86 38.16 6.77
N ALA B 96 -29.04 39.38 6.23
CA ALA B 96 -30.15 40.24 6.59
C ALA B 96 -31.45 39.60 6.17
N SER B 97 -32.55 39.77 6.89
CA SER B 97 -33.82 39.15 6.46
C SER B 97 -34.37 39.65 5.16
N THR B 98 -33.88 40.83 4.81
CA THR B 98 -34.25 41.47 3.56
C THR B 98 -33.60 40.90 2.34
N THR B 99 -32.57 40.09 2.42
CA THR B 99 -31.94 39.52 1.24
C THR B 99 -32.85 38.70 0.38
N ASN B 100 -32.55 38.85 -0.86
CA ASN B 100 -33.19 38.06 -1.91
C ASN B 100 -32.73 36.61 -1.91
N LYS B 101 -31.45 36.40 -1.64
CA LYS B 101 -30.87 35.06 -1.57
C LYS B 101 -31.16 34.36 -0.25
N ASP B 102 -31.43 33.04 -0.26
CA ASP B 102 -31.61 32.30 0.98
C ASP B 102 -30.43 32.27 1.97
N LYS B 103 -30.78 32.03 3.25
CA LYS B 103 -29.78 31.82 4.28
C LYS B 103 -29.10 30.46 4.05
N LEU B 104 -27.81 30.59 3.83
CA LEU B 104 -27.00 29.43 3.56
C LEU B 104 -26.70 28.46 4.69
N PHE B 105 -27.24 27.26 4.55
CA PHE B 105 -26.84 26.17 5.42
C PHE B 105 -25.99 25.19 4.62
N ALA B 106 -25.13 24.42 5.27
CA ALA B 106 -24.20 23.57 4.56
C ALA B 106 -24.44 22.07 4.64
N VAL B 107 -24.20 21.34 3.55
CA VAL B 107 -24.40 19.88 3.54
C VAL B 107 -23.19 19.18 2.96
N TRP B 108 -22.54 18.36 3.76
CA TRP B 108 -21.31 17.66 3.38
C TRP B 108 -21.42 16.13 3.44
N LYS B 109 -21.14 15.42 2.36
CA LYS B 109 -21.11 13.96 2.37
C LYS B 109 -19.87 13.45 3.09
N ILE B 110 -19.99 12.77 4.21
CA ILE B 110 -18.81 12.36 4.97
C ILE B 110 -17.88 11.46 4.17
N THR B 111 -16.63 11.83 4.24
CA THR B 111 -15.58 11.20 3.47
C THR B 111 -14.19 11.68 3.93
N TYR B 112 -13.16 10.88 3.72
CA TYR B 112 -11.81 11.42 3.91
C TYR B 112 -11.18 11.77 2.55
N LYS B 113 -11.95 11.63 1.48
CA LYS B 113 -11.39 11.84 0.15
C LYS B 113 -11.57 13.21 -0.47
N ASP B 114 -12.07 14.20 0.28
CA ASP B 114 -12.11 15.55 -0.27
C ASP B 114 -10.82 16.29 -0.12
N THR B 115 -9.98 15.84 0.80
CA THR B 115 -8.65 16.40 0.95
C THR B 115 -7.63 15.35 0.61
N VAL B 116 -6.32 15.67 0.54
CA VAL B 116 -5.35 14.66 0.12
C VAL B 116 -4.47 14.01 1.17
N GLN B 117 -4.09 14.72 2.22
CA GLN B 117 -3.10 14.16 3.12
C GLN B 117 -3.52 12.98 3.97
N LEU B 118 -4.64 13.05 4.70
CA LEU B 118 -5.04 11.85 5.46
C LEU B 118 -5.35 10.72 4.48
N ARG B 119 -6.00 11.02 3.35
CA ARG B 119 -6.28 10.05 2.30
C ARG B 119 -5.05 9.25 1.86
N ARG B 120 -3.93 9.93 1.54
CA ARG B 120 -2.71 9.23 1.14
C ARG B 120 -2.17 8.31 2.23
N LYS B 121 -2.28 8.76 3.48
CA LYS B 121 -1.82 7.97 4.63
C LYS B 121 -2.67 6.71 4.84
N LEU B 122 -4.00 6.82 4.79
CA LEU B 122 -4.85 5.64 4.92
C LEU B 122 -4.65 4.68 3.77
N GLU B 123 -4.43 5.22 2.58
CA GLU B 123 -4.26 4.37 1.42
C GLU B 123 -2.93 3.68 1.26
N PHE B 124 -2.03 3.84 2.27
CA PHE B 124 -0.88 2.96 2.36
C PHE B 124 -1.36 1.51 2.65
N PHE B 125 -2.64 1.41 3.05
CA PHE B 125 -3.29 0.16 3.37
C PHE B 125 -4.60 -0.08 2.64
N THR B 126 -4.98 -1.35 2.43
CA THR B 126 -6.25 -1.66 1.78
C THR B 126 -7.53 -1.62 2.64
N TYR B 127 -7.44 -2.14 3.87
CA TYR B 127 -8.59 -2.14 4.80
C TYR B 127 -8.24 -1.55 6.13
N SER B 128 -9.21 -0.99 6.84
CA SER B 128 -8.94 -0.47 8.19
C SER B 128 -10.08 -0.55 9.16
N ARG B 129 -9.80 -0.58 10.45
CA ARG B 129 -10.81 -0.47 11.49
C ARG B 129 -10.40 0.62 12.41
N PHE B 130 -11.26 1.57 12.76
CA PHE B 130 -10.91 2.57 13.76
C PHE B 130 -12.13 3.26 14.34
N ASP B 131 -11.92 3.86 15.49
CA ASP B 131 -12.92 4.72 16.09
C ASP B 131 -12.60 6.11 15.57
N MET B 132 -13.63 6.84 15.19
CA MET B 132 -13.39 8.16 14.65
C MET B 132 -13.67 9.34 15.58
N GLU B 133 -12.61 10.14 15.73
CA GLU B 133 -12.70 11.37 16.49
C GLU B 133 -12.83 12.58 15.56
N LEU B 134 -13.93 13.29 15.68
CA LEU B 134 -14.14 14.48 14.90
C LEU B 134 -14.04 15.73 15.76
N THR B 135 -13.21 16.65 15.33
CA THR B 135 -13.06 17.92 16.04
C THR B 135 -13.42 19.07 15.09
N PHE B 136 -14.15 20.07 15.56
CA PHE B 136 -14.67 21.13 14.68
C PHE B 136 -14.19 22.52 15.01
N VAL B 137 -13.40 23.14 14.13
CA VAL B 137 -12.96 24.52 14.33
C VAL B 137 -13.83 25.48 13.53
N VAL B 138 -14.41 26.45 14.23
CA VAL B 138 -15.36 27.37 13.62
C VAL B 138 -14.86 28.79 13.66
N THR B 139 -14.80 29.42 12.49
CA THR B 139 -14.41 30.83 12.41
C THR B 139 -15.46 31.67 11.66
N ALA B 140 -15.69 32.92 12.05
CA ALA B 140 -16.64 33.82 11.37
C ALA B 140 -16.08 35.20 10.98
N ASN B 141 -16.66 35.84 9.96
CA ASN B 141 -16.27 37.19 9.57
C ASN B 141 -17.38 38.05 8.96
N PHE B 142 -17.16 39.34 8.98
CA PHE B 142 -18.08 40.26 8.31
C PHE B 142 -17.76 40.37 6.82
N THR B 143 -18.80 40.43 6.03
CA THR B 143 -18.61 40.50 4.59
C THR B 143 -18.85 41.86 3.95
N GLU B 144 -19.76 42.65 4.45
CA GLU B 144 -19.93 43.97 3.89
C GLU B 144 -19.20 45.02 4.69
N THR B 145 -18.66 46.03 4.01
CA THR B 145 -18.03 47.21 4.64
C THR B 145 -19.10 48.11 5.21
N ASN B 146 -19.72 47.46 6.19
CA ASN B 146 -20.81 47.97 6.98
C ASN B 146 -20.03 48.57 8.14
N ASN B 147 -20.76 48.82 9.17
CA ASN B 147 -20.20 49.27 10.42
C ASN B 147 -21.13 48.71 11.49
N GLY B 148 -21.79 47.61 11.10
CA GLY B 148 -22.77 46.94 11.90
C GLY B 148 -22.22 45.80 12.73
N HIS B 149 -23.15 45.04 13.23
CA HIS B 149 -22.91 44.01 14.20
C HIS B 149 -23.80 42.81 14.07
N ALA B 150 -23.28 41.79 14.70
CA ALA B 150 -23.96 40.59 14.99
C ALA B 150 -23.41 40.21 16.37
N LEU B 151 -24.25 39.51 17.10
CA LEU B 151 -24.01 38.91 18.40
C LEU B 151 -23.48 37.48 18.29
N ASN B 152 -22.96 36.90 19.38
CA ASN B 152 -22.40 35.54 19.34
C ASN B 152 -23.33 34.49 18.74
N GLN B 153 -22.81 33.74 17.79
CA GLN B 153 -23.58 32.72 17.13
C GLN B 153 -23.50 31.31 17.70
N VAL B 154 -24.59 30.56 17.55
CA VAL B 154 -24.63 29.16 17.89
C VAL B 154 -24.84 28.34 16.62
N TYR B 155 -23.98 27.34 16.37
CA TYR B 155 -24.06 26.51 15.19
C TYR B 155 -24.69 25.17 15.55
N GLN B 156 -25.44 24.58 14.63
CA GLN B 156 -25.95 23.24 14.84
C GLN B 156 -25.34 22.38 13.75
N ILE B 157 -24.54 21.41 14.19
CA ILE B 157 -23.90 20.45 13.30
C ILE B 157 -24.73 19.17 13.44
N MET B 158 -25.62 18.89 12.48
CA MET B 158 -26.48 17.71 12.54
C MET B 158 -25.99 16.53 11.71
N TYR B 159 -25.89 15.34 12.29
CA TYR B 159 -25.53 14.20 11.46
C TYR B 159 -26.80 13.63 10.89
N VAL B 160 -26.92 13.59 9.57
CA VAL B 160 -28.07 12.97 8.93
C VAL B 160 -27.59 11.70 8.25
N PRO B 161 -27.83 10.52 8.87
CA PRO B 161 -27.34 9.25 8.36
C PRO B 161 -28.16 8.82 7.14
N PRO B 162 -27.66 7.96 6.23
CA PRO B 162 -28.42 7.50 5.10
C PRO B 162 -29.83 7.00 5.37
N GLY B 163 -30.77 7.81 4.87
CA GLY B 163 -32.17 7.50 4.98
C GLY B 163 -32.97 8.56 5.74
N ALA B 164 -32.32 9.27 6.67
CA ALA B 164 -33.02 10.30 7.41
C ALA B 164 -33.19 11.55 6.55
N PRO B 165 -34.25 12.36 6.76
CA PRO B 165 -34.55 13.49 5.91
C PRO B 165 -33.51 14.58 5.86
N VAL B 166 -32.91 14.89 4.73
CA VAL B 166 -31.95 16.01 4.67
C VAL B 166 -32.64 17.37 4.70
N PRO B 167 -32.18 18.31 5.54
CA PRO B 167 -32.67 19.68 5.50
C PRO B 167 -32.68 20.34 4.12
N GLU B 168 -33.88 20.82 3.82
CA GLU B 168 -34.14 21.66 2.65
C GLU B 168 -34.06 23.16 2.94
N LYS B 169 -34.23 23.57 4.17
CA LYS B 169 -34.19 24.96 4.59
C LYS B 169 -33.50 25.09 5.95
N TRP B 170 -32.83 26.20 6.21
CA TRP B 170 -32.12 26.41 7.46
C TRP B 170 -32.95 26.24 8.74
N ASP B 171 -34.23 26.34 8.57
CA ASP B 171 -35.18 26.31 9.68
C ASP B 171 -36.32 25.31 9.55
N ASP B 172 -36.21 24.33 8.65
CA ASP B 172 -37.31 23.40 8.52
C ASP B 172 -37.41 22.31 9.61
N TYR B 173 -38.40 21.43 9.63
CA TYR B 173 -38.56 20.48 10.74
C TYR B 173 -37.38 19.55 11.06
N THR B 174 -36.52 19.22 10.06
CA THR B 174 -35.47 18.27 10.32
C THR B 174 -34.46 18.71 11.38
N TRP B 175 -34.23 19.99 11.59
CA TRP B 175 -33.35 20.44 12.67
C TRP B 175 -33.86 20.18 14.11
N GLN B 176 -35.06 19.64 14.26
CA GLN B 176 -35.59 19.15 15.54
C GLN B 176 -34.72 18.11 16.23
N THR B 177 -34.03 17.33 15.36
CA THR B 177 -33.18 16.21 15.70
C THR B 177 -33.60 15.23 16.77
N SER B 178 -34.82 14.70 16.72
CA SER B 178 -35.23 13.80 17.81
C SER B 178 -34.39 12.54 17.93
N SER B 179 -33.87 12.07 16.79
CA SER B 179 -33.03 10.88 16.77
C SER B 179 -31.64 11.03 16.19
N ASN B 180 -31.44 11.84 15.14
CA ASN B 180 -30.08 12.22 14.72
C ASN B 180 -29.25 12.91 15.80
N PRO B 181 -27.93 12.69 15.84
CA PRO B 181 -27.06 13.29 16.83
C PRO B 181 -26.78 14.73 16.37
N SER B 182 -26.92 15.74 17.21
CA SER B 182 -26.53 17.10 16.85
C SER B 182 -25.58 17.76 17.84
N ILE B 183 -24.70 18.62 17.38
CA ILE B 183 -23.89 19.41 18.30
C ILE B 183 -24.31 20.84 18.17
N PHE B 184 -24.71 21.46 19.26
CA PHE B 184 -24.91 22.91 19.24
C PHE B 184 -23.60 23.54 19.74
N TYR B 185 -22.81 24.08 18.82
CA TYR B 185 -21.56 24.70 19.20
C TYR B 185 -21.69 26.21 19.42
N THR B 186 -21.13 26.77 20.51
CA THR B 186 -21.19 28.20 20.74
C THR B 186 -19.95 28.90 20.20
N TYR B 187 -20.04 29.94 19.39
CA TYR B 187 -18.88 30.64 18.85
C TYR B 187 -17.86 31.08 19.88
N GLY B 188 -16.58 30.92 19.57
CA GLY B 188 -15.54 31.39 20.47
C GLY B 188 -15.29 30.48 21.67
N THR B 189 -16.02 29.39 21.83
CA THR B 189 -15.69 28.42 22.86
C THR B 189 -14.68 27.42 22.31
N ALA B 190 -14.13 26.51 23.17
CA ALA B 190 -13.22 25.49 22.68
C ALA B 190 -13.81 24.71 21.53
N PRO B 191 -13.08 24.41 20.43
CA PRO B 191 -13.60 23.59 19.36
C PRO B 191 -14.31 22.32 19.76
N ALA B 192 -15.48 22.16 19.18
CA ALA B 192 -16.33 20.99 19.39
C ALA B 192 -15.67 19.63 19.10
N ARG B 193 -15.98 18.57 19.82
CA ARG B 193 -15.43 17.24 19.52
C ARG B 193 -16.34 16.08 19.91
N ILE B 194 -16.50 15.10 19.03
CA ILE B 194 -17.21 13.88 19.38
C ILE B 194 -16.41 12.67 18.90
N SER B 195 -16.79 11.53 19.46
CA SER B 195 -16.27 10.25 19.00
C SER B 195 -17.39 9.37 18.47
N VAL B 196 -17.00 8.51 17.56
CA VAL B 196 -17.90 7.54 16.96
C VAL B 196 -17.19 6.19 16.88
N PRO B 197 -17.85 5.06 17.13
CA PRO B 197 -17.19 3.74 17.16
C PRO B 197 -16.89 3.26 15.75
N TYR B 198 -16.35 2.06 15.53
CA TYR B 198 -16.22 1.52 14.16
C TYR B 198 -17.64 1.25 13.62
N VAL B 199 -18.13 2.09 12.69
CA VAL B 199 -19.51 1.96 12.24
C VAL B 199 -19.73 1.31 10.87
N GLY B 200 -18.71 0.75 10.22
CA GLY B 200 -18.87 0.11 8.92
C GLY B 200 -19.87 -1.05 8.90
N ILE B 201 -20.52 -1.29 7.75
CA ILE B 201 -21.40 -2.45 7.62
C ILE B 201 -20.66 -3.73 7.19
N SER B 202 -19.35 -3.60 7.06
CA SER B 202 -18.47 -4.72 6.78
C SER B 202 -17.54 -4.94 7.94
N ASN B 203 -16.66 -5.97 7.97
CA ASN B 203 -15.80 -6.15 9.15
C ASN B 203 -14.61 -5.23 9.20
N ALA B 204 -14.38 -4.53 8.09
CA ALA B 204 -13.41 -3.43 8.06
C ALA B 204 -13.85 -2.40 7.02
N TYR B 205 -13.40 -1.16 7.19
CA TYR B 205 -13.55 -0.16 6.14
C TYR B 205 -12.76 -0.57 4.90
N SER B 206 -13.30 -0.46 3.69
CA SER B 206 -12.48 -0.79 2.52
C SER B 206 -11.91 0.43 1.83
N HIS B 207 -10.62 0.73 1.92
CA HIS B 207 -10.10 1.88 1.21
C HIS B 207 -10.17 1.68 -0.31
N PHE B 208 -10.26 0.45 -0.79
CA PHE B 208 -10.42 0.18 -2.22
C PHE B 208 -11.40 -0.98 -2.43
N TYR B 209 -12.37 -0.79 -3.32
CA TYR B 209 -13.35 -1.78 -3.69
C TYR B 209 -13.27 -2.06 -5.20
N ASP B 210 -12.50 -3.06 -5.66
CA ASP B 210 -12.50 -3.44 -7.08
C ASP B 210 -13.81 -4.13 -7.52
N GLY B 211 -14.86 -3.33 -7.67
CA GLY B 211 -16.15 -3.85 -8.07
C GLY B 211 -17.27 -2.83 -8.24
N PHE B 212 -18.43 -3.36 -8.58
CA PHE B 212 -19.63 -2.53 -8.82
C PHE B 212 -20.70 -2.81 -7.78
N SER B 213 -21.68 -1.96 -7.62
CA SER B 213 -22.79 -2.28 -6.73
C SER B 213 -23.94 -2.91 -7.48
N LYS B 214 -23.84 -3.01 -8.82
CA LYS B 214 -24.84 -3.67 -9.65
C LYS B 214 -24.32 -4.61 -10.71
N VAL B 215 -24.92 -5.79 -10.86
CA VAL B 215 -24.58 -6.68 -11.97
C VAL B 215 -25.42 -6.22 -13.16
N PRO B 216 -24.93 -5.90 -14.35
CA PRO B 216 -25.78 -5.64 -15.49
C PRO B 216 -26.36 -6.93 -15.98
N LEU B 217 -27.64 -7.17 -15.94
CA LEU B 217 -28.19 -8.37 -16.55
C LEU B 217 -28.50 -8.20 -18.04
N LYS B 218 -28.34 -9.24 -18.85
CA LYS B 218 -28.65 -9.18 -20.29
C LYS B 218 -30.10 -8.86 -20.56
N ASP B 219 -30.95 -9.46 -19.75
CA ASP B 219 -32.38 -9.33 -19.88
C ASP B 219 -32.89 -7.95 -19.45
N GLN B 220 -32.04 -7.02 -19.07
CA GLN B 220 -32.44 -5.71 -18.62
C GLN B 220 -31.71 -4.64 -19.42
N SER B 221 -32.12 -3.38 -19.51
CA SER B 221 -31.37 -2.39 -20.29
C SER B 221 -30.05 -2.02 -19.67
N ALA B 222 -29.12 -1.64 -20.51
CA ALA B 222 -27.80 -1.23 -20.03
C ALA B 222 -27.79 -0.14 -18.97
N ALA B 223 -28.67 0.83 -19.18
CA ALA B 223 -28.88 1.92 -18.23
C ALA B 223 -29.31 1.46 -16.84
N LEU B 224 -30.17 0.49 -16.89
CA LEU B 224 -30.74 -0.10 -15.72
C LEU B 224 -29.73 -0.94 -14.91
N GLY B 225 -28.78 -1.56 -15.60
CA GLY B 225 -27.77 -2.34 -14.91
C GLY B 225 -26.50 -1.61 -14.55
N ASP B 226 -26.44 -0.32 -14.88
CA ASP B 226 -25.24 0.45 -14.70
C ASP B 226 -24.97 1.04 -13.33
N SER B 227 -23.69 1.06 -12.98
CA SER B 227 -23.23 1.64 -11.74
C SER B 227 -21.77 2.08 -11.82
N LEU B 228 -21.35 2.97 -10.93
CA LEU B 228 -19.96 3.40 -10.91
C LEU B 228 -18.89 2.43 -10.52
N TYR B 229 -17.79 2.44 -11.25
CA TYR B 229 -16.69 1.56 -10.96
C TYR B 229 -16.03 1.89 -9.62
N GLY B 230 -16.01 0.88 -8.75
CA GLY B 230 -15.37 1.01 -7.45
C GLY B 230 -16.22 1.68 -6.39
N ALA B 231 -17.45 2.04 -6.71
CA ALA B 231 -18.37 2.56 -5.73
C ALA B 231 -19.27 1.52 -5.08
N ALA B 232 -19.38 1.45 -3.78
CA ALA B 232 -20.28 0.54 -3.12
C ALA B 232 -21.63 1.17 -2.82
N SER B 233 -21.87 1.68 -1.62
CA SER B 233 -23.16 2.28 -1.24
C SER B 233 -23.26 3.78 -1.56
N LEU B 234 -23.80 4.28 -2.67
CA LEU B 234 -24.06 5.72 -2.96
C LEU B 234 -24.00 6.82 -1.88
N ASN B 235 -24.67 6.51 -0.76
CA ASN B 235 -24.51 7.27 0.48
C ASN B 235 -23.96 6.29 1.51
N ASP B 236 -22.63 6.21 1.47
CA ASP B 236 -21.85 5.39 2.36
C ASP B 236 -22.08 5.66 3.84
N PHE B 237 -21.88 6.91 4.27
CA PHE B 237 -21.97 7.33 5.66
C PHE B 237 -22.89 8.49 5.98
N GLY B 238 -23.71 8.93 5.04
CA GLY B 238 -24.60 10.07 5.29
C GLY B 238 -23.90 11.42 5.24
N ILE B 239 -24.61 12.44 5.70
CA ILE B 239 -24.07 13.80 5.67
C ILE B 239 -24.01 14.57 6.97
N LEU B 240 -23.13 15.57 6.98
CA LEU B 240 -23.19 16.55 8.05
C LEU B 240 -23.97 17.77 7.53
N ALA B 241 -24.94 18.28 8.28
CA ALA B 241 -25.65 19.50 7.88
C ALA B 241 -25.44 20.58 8.95
N VAL B 242 -24.88 21.72 8.55
CA VAL B 242 -24.55 22.77 9.51
C VAL B 242 -25.31 24.07 9.25
N ARG B 243 -25.86 24.65 10.31
CA ARG B 243 -26.54 25.94 10.19
C ARG B 243 -26.19 26.94 11.30
N VAL B 244 -26.43 28.22 11.09
CA VAL B 244 -26.33 29.21 12.15
C VAL B 244 -27.72 29.23 12.77
N VAL B 245 -27.88 28.96 14.05
CA VAL B 245 -29.21 28.89 14.66
C VAL B 245 -29.86 30.26 14.88
N ASN B 246 -29.04 31.30 15.07
CA ASN B 246 -29.52 32.66 15.23
C ASN B 246 -30.38 33.11 14.07
N ASP B 247 -31.39 33.94 14.31
CA ASP B 247 -32.14 34.47 13.17
C ASP B 247 -31.35 35.50 12.38
N HIS B 248 -31.85 35.80 11.19
CA HIS B 248 -31.24 36.82 10.34
C HIS B 248 -30.87 38.11 11.04
N ASN B 249 -29.72 38.58 10.69
CA ASN B 249 -29.22 39.76 11.32
C ASN B 249 -29.08 40.86 10.25
N PRO B 250 -29.25 42.16 10.48
CA PRO B 250 -29.08 43.21 9.46
C PRO B 250 -27.72 43.15 8.78
N THR B 251 -26.66 43.10 9.56
CA THR B 251 -25.33 42.83 9.01
C THR B 251 -25.09 41.35 8.76
N LYS B 252 -24.72 40.99 7.55
CA LYS B 252 -24.38 39.62 7.22
C LYS B 252 -23.03 39.12 7.74
N VAL B 253 -23.08 37.95 8.36
CA VAL B 253 -21.88 37.25 8.81
C VAL B 253 -21.69 35.94 8.07
N THR B 254 -20.45 35.63 7.72
CA THR B 254 -20.18 34.34 7.09
C THR B 254 -19.24 33.51 7.93
N SER B 255 -19.54 32.23 8.06
CA SER B 255 -18.69 31.34 8.82
C SER B 255 -18.25 30.10 8.09
N LYS B 256 -17.10 29.63 8.52
CA LYS B 256 -16.59 28.33 8.11
C LYS B 256 -16.41 27.37 9.26
N ILE B 257 -16.83 26.15 9.01
CA ILE B 257 -16.59 25.05 9.95
C ILE B 257 -15.59 24.08 9.31
N ARG B 258 -14.38 24.09 9.86
CA ARG B 258 -13.33 23.17 9.49
C ARG B 258 -13.43 21.86 10.29
N VAL B 259 -13.53 20.74 9.60
CA VAL B 259 -13.68 19.41 10.23
C VAL B 259 -12.36 18.62 10.29
N TYR B 260 -11.95 18.19 11.48
CA TYR B 260 -10.73 17.41 11.60
C TYR B 260 -11.01 15.98 12.01
N LEU B 261 -10.37 15.06 11.29
CA LEU B 261 -10.57 13.64 11.50
C LEU B 261 -9.35 12.96 12.08
N LYS B 262 -9.51 12.29 13.25
CA LYS B 262 -8.44 11.42 13.74
C LYS B 262 -8.93 9.98 13.92
N PRO B 263 -8.22 9.02 13.29
CA PRO B 263 -8.52 7.60 13.48
C PRO B 263 -7.88 7.02 14.72
N LYS B 264 -8.63 6.91 15.82
CA LYS B 264 -8.16 6.31 17.09
C LYS B 264 -8.37 4.80 17.06
N HIS B 265 -7.61 4.06 17.85
CA HIS B 265 -7.82 2.61 18.05
C HIS B 265 -7.80 1.85 16.72
N ILE B 266 -6.82 2.21 15.91
CA ILE B 266 -6.76 1.70 14.55
C ILE B 266 -6.00 0.42 14.22
N ARG B 267 -6.65 -0.35 13.36
CA ARG B 267 -6.02 -1.54 12.79
C ARG B 267 -6.02 -1.49 11.26
N VAL B 268 -4.93 -1.87 10.63
CA VAL B 268 -4.86 -1.87 9.16
C VAL B 268 -4.37 -3.20 8.57
N TRP B 269 -4.85 -3.45 7.38
CA TRP B 269 -4.53 -4.66 6.63
C TRP B 269 -4.14 -4.44 5.19
N CYS B 270 -3.31 -5.35 4.63
CA CYS B 270 -2.79 -5.34 3.25
C CYS B 270 -2.14 -4.06 2.72
N PRO B 271 -0.82 -3.92 2.91
CA PRO B 271 -0.07 -2.73 2.54
C PRO B 271 -0.12 -2.43 1.04
N ARG B 272 0.03 -1.17 0.66
CA ARG B 272 -0.08 -0.70 -0.71
C ARG B 272 0.93 0.36 -1.01
N PRO B 273 1.54 0.42 -2.20
CA PRO B 273 2.30 1.57 -2.63
C PRO B 273 1.51 2.85 -2.53
N PRO B 274 2.08 3.95 -2.00
CA PRO B 274 1.38 5.22 -1.77
C PRO B 274 1.00 5.85 -3.12
N ARG B 275 0.02 6.74 -3.08
CA ARG B 275 -0.32 7.54 -4.25
C ARG B 275 0.89 8.31 -4.81
N ALA B 276 1.26 8.03 -6.07
CA ALA B 276 2.42 8.67 -6.67
C ALA B 276 2.17 9.80 -7.65
N VAL B 277 0.97 9.90 -8.15
CA VAL B 277 0.59 11.03 -9.00
C VAL B 277 -0.65 11.70 -8.38
N ALA B 278 -0.95 12.93 -8.71
CA ALA B 278 -2.07 13.63 -8.08
C ALA B 278 -3.45 12.96 -8.08
N TYR B 279 -4.17 13.03 -6.98
CA TYR B 279 -5.52 12.51 -6.93
C TYR B 279 -6.44 13.19 -7.91
N TYR B 280 -7.32 12.45 -8.53
CA TYR B 280 -8.24 12.94 -9.53
C TYR B 280 -9.57 12.24 -9.26
N GLY B 281 -10.42 12.81 -8.44
CA GLY B 281 -11.67 12.18 -8.06
C GLY B 281 -11.58 11.22 -6.88
N PRO B 282 -12.65 10.58 -6.42
CA PRO B 282 -12.59 9.63 -5.29
C PRO B 282 -12.06 8.25 -5.69
N GLY B 283 -11.89 7.97 -6.97
CA GLY B 283 -11.35 6.68 -7.36
C GLY B 283 -9.86 6.70 -7.58
N VAL B 284 -9.29 5.67 -8.19
CA VAL B 284 -7.83 5.66 -8.45
C VAL B 284 -7.37 6.38 -9.74
N ASP B 285 -8.31 7.05 -10.39
CA ASP B 285 -8.09 7.74 -11.65
C ASP B 285 -7.04 8.83 -11.64
N TYR B 286 -6.40 8.99 -12.78
CA TYR B 286 -5.41 10.03 -12.97
C TYR B 286 -5.61 10.82 -14.25
N LYS B 287 -5.24 12.06 -14.07
CA LYS B 287 -5.35 13.08 -15.07
C LYS B 287 -4.14 13.23 -15.96
N ASP B 288 -4.37 13.34 -17.24
CA ASP B 288 -3.31 13.63 -18.18
C ASP B 288 -2.49 14.86 -17.81
N GLY B 289 -1.21 14.79 -17.98
CA GLY B 289 -0.39 15.93 -17.61
C GLY B 289 0.14 15.86 -16.19
N THR B 290 -0.35 14.98 -15.34
CA THR B 290 0.17 14.87 -13.99
C THR B 290 1.03 13.60 -13.79
N LEU B 291 1.35 12.85 -14.84
CA LEU B 291 1.96 11.54 -14.63
C LEU B 291 3.47 11.41 -14.67
N THR B 292 4.14 12.54 -14.45
CA THR B 292 5.59 12.51 -14.36
C THR B 292 6.21 12.95 -13.02
N PRO B 293 6.02 12.19 -11.93
CA PRO B 293 6.51 12.50 -10.60
C PRO B 293 8.02 12.57 -10.54
N LEU B 294 8.73 11.57 -11.06
CA LEU B 294 10.17 11.56 -10.99
C LEU B 294 10.91 12.63 -11.79
N SER B 295 12.02 13.09 -11.25
CA SER B 295 12.84 14.11 -11.88
C SER B 295 14.10 13.64 -12.57
N THR B 296 14.73 14.46 -13.40
CA THR B 296 15.97 14.07 -14.04
C THR B 296 17.16 13.90 -13.13
N LYS B 297 17.79 12.73 -13.16
CA LYS B 297 19.03 12.53 -12.47
C LYS B 297 19.91 11.54 -13.22
N ASP B 298 21.17 11.87 -13.53
CA ASP B 298 22.04 10.97 -14.27
C ASP B 298 22.51 9.71 -13.56
N LEU B 299 22.37 8.51 -14.13
CA LEU B 299 22.86 7.27 -13.55
C LEU B 299 24.16 7.27 -12.73
N THR B 300 25.22 7.85 -13.27
CA THR B 300 26.47 7.96 -12.55
C THR B 300 26.76 9.31 -11.87
N THR B 301 25.73 9.98 -11.44
CA THR B 301 25.87 11.25 -10.71
C THR B 301 25.39 11.12 -9.27
N TYR B 302 26.19 11.47 -8.28
CA TYR B 302 25.76 11.36 -6.90
C TYR B 302 24.67 12.39 -6.57
N GLU C 5 17.42 -31.97 -0.40
CA GLU C 5 17.58 -33.21 0.32
C GLU C 5 18.60 -34.19 -0.26
N ALA C 6 19.41 -34.93 0.55
CA ALA C 6 20.32 -35.97 0.03
C ALA C 6 19.64 -37.17 -0.69
N CYS C 7 18.32 -37.21 -0.59
CA CYS C 7 17.46 -38.02 -1.48
C CYS C 7 17.02 -37.19 -2.73
N GLY C 8 17.63 -36.06 -3.10
CA GLY C 8 17.26 -35.28 -4.27
C GLY C 8 16.23 -34.15 -4.19
N TYR C 9 15.46 -33.92 -3.13
CA TYR C 9 14.42 -32.88 -3.13
C TYR C 9 14.89 -31.46 -3.25
N SER C 10 14.28 -30.77 -4.19
CA SER C 10 14.63 -29.40 -4.55
C SER C 10 13.49 -28.44 -4.58
N ASP C 11 13.93 -27.25 -4.21
CA ASP C 11 13.20 -25.97 -4.18
C ASP C 11 12.58 -25.52 -5.50
N ARG C 12 13.34 -25.98 -6.49
CA ARG C 12 13.14 -25.77 -7.91
C ARG C 12 12.26 -26.80 -8.60
N VAL C 13 12.15 -27.98 -8.02
CA VAL C 13 11.34 -29.03 -8.58
C VAL C 13 10.12 -29.33 -7.71
N LEU C 14 8.96 -28.90 -8.18
CA LEU C 14 7.71 -29.07 -7.47
C LEU C 14 6.62 -29.77 -8.24
N GLN C 15 5.71 -30.41 -7.51
CA GLN C 15 4.50 -31.00 -8.07
C GLN C 15 3.32 -30.54 -7.21
N LEU C 16 2.33 -29.91 -7.85
CA LEU C 16 1.13 -29.49 -7.15
C LEU C 16 -0.02 -30.34 -7.70
N THR C 17 -0.88 -30.88 -6.82
CA THR C 17 -2.02 -31.67 -7.23
C THR C 17 -3.32 -31.27 -6.57
N LEU C 18 -4.25 -30.78 -7.39
CA LEU C 18 -5.59 -30.37 -6.92
C LEU C 18 -6.65 -31.05 -7.78
N GLY C 19 -7.62 -31.76 -7.19
CA GLY C 19 -8.66 -32.42 -8.00
C GLY C 19 -8.12 -33.45 -8.95
N ASN C 20 -8.53 -33.49 -10.21
CA ASN C 20 -7.96 -34.43 -11.18
C ASN C 20 -6.77 -33.86 -11.92
N SER C 21 -6.12 -32.86 -11.34
CA SER C 21 -5.02 -32.18 -12.01
C SER C 21 -3.71 -32.02 -11.26
N THR C 22 -2.68 -32.20 -12.06
CA THR C 22 -1.29 -32.09 -11.60
C THR C 22 -0.40 -31.15 -12.42
N ILE C 23 0.37 -30.31 -11.75
CA ILE C 23 1.39 -29.45 -12.37
C ILE C 23 2.76 -29.87 -11.88
N THR C 24 3.65 -30.09 -12.81
CA THR C 24 5.06 -30.38 -12.46
C THR C 24 5.92 -29.21 -12.96
N THR C 25 6.96 -28.93 -12.21
CA THR C 25 7.92 -27.93 -12.60
C THR C 25 9.33 -28.29 -12.16
N GLN C 26 10.31 -28.02 -13.00
CA GLN C 26 11.71 -28.37 -12.69
C GLN C 26 12.60 -27.13 -12.56
N GLU C 27 11.98 -25.95 -12.74
CA GLU C 27 12.68 -24.66 -12.60
C GLU C 27 11.80 -23.63 -11.91
N ALA C 28 11.41 -23.99 -10.71
CA ALA C 28 10.69 -23.10 -9.81
C ALA C 28 11.64 -22.30 -8.90
N ALA C 29 11.16 -21.20 -8.35
CA ALA C 29 11.93 -20.40 -7.40
C ALA C 29 11.13 -20.38 -6.10
N ASN C 30 10.97 -21.60 -5.57
CA ASN C 30 10.11 -21.87 -4.40
C ASN C 30 8.66 -21.50 -4.77
N SER C 31 7.79 -21.24 -3.82
CA SER C 31 6.47 -20.75 -4.09
C SER C 31 6.03 -19.83 -2.94
N VAL C 32 5.08 -18.94 -3.20
CA VAL C 32 4.63 -17.92 -2.26
C VAL C 32 3.28 -18.17 -1.63
N VAL C 33 3.14 -18.02 -0.33
CA VAL C 33 1.83 -18.07 0.29
C VAL C 33 1.54 -16.67 0.81
N ALA C 34 0.64 -16.02 0.09
CA ALA C 34 0.31 -14.62 0.35
C ALA C 34 -0.06 -14.36 1.78
N TYR C 35 0.66 -13.41 2.34
CA TYR C 35 0.52 -12.97 3.74
C TYR C 35 0.69 -14.12 4.71
N GLY C 36 1.42 -15.16 4.29
CA GLY C 36 1.59 -16.35 5.09
C GLY C 36 0.27 -17.08 5.40
N ARG C 37 -0.85 -16.75 4.78
CA ARG C 37 -2.11 -17.41 5.04
C ARG C 37 -2.56 -18.38 3.97
N TRP C 38 -2.62 -19.66 4.31
CA TRP C 38 -3.14 -20.66 3.39
C TRP C 38 -4.68 -20.48 3.31
N PRO C 39 -5.31 -20.75 2.17
CA PRO C 39 -6.76 -20.70 2.08
C PRO C 39 -7.52 -21.60 3.01
N GLU C 40 -8.66 -21.14 3.47
CA GLU C 40 -9.46 -21.85 4.43
C GLU C 40 -10.96 -21.71 4.24
N TYR C 41 -11.82 -22.67 4.62
CA TYR C 41 -13.24 -22.43 4.57
C TYR C 41 -13.71 -21.44 5.65
N LEU C 42 -14.88 -20.84 5.48
CA LEU C 42 -15.37 -19.93 6.49
C LEU C 42 -15.80 -20.59 7.81
N ARG C 43 -15.13 -20.15 8.88
CA ARG C 43 -15.34 -20.63 10.22
C ARG C 43 -16.67 -20.22 10.83
N ASP C 44 -17.34 -21.05 11.61
CA ASP C 44 -18.57 -20.63 12.29
C ASP C 44 -18.52 -19.32 13.04
N SER C 45 -17.40 -19.04 13.72
CA SER C 45 -17.21 -17.79 14.44
C SER C 45 -17.16 -16.56 13.59
N GLU C 46 -16.78 -16.72 12.31
CA GLU C 46 -16.82 -15.60 11.37
C GLU C 46 -17.97 -15.68 10.38
N ALA C 47 -18.78 -16.72 10.38
CA ALA C 47 -19.90 -16.84 9.45
C ALA C 47 -20.90 -15.72 9.41
N ASN C 48 -21.58 -15.53 8.29
CA ASN C 48 -22.60 -14.50 8.20
C ASN C 48 -23.89 -14.99 7.52
N PRO C 49 -24.04 -15.32 6.23
CA PRO C 49 -25.25 -15.90 5.65
C PRO C 49 -25.61 -17.19 6.39
N VAL C 50 -26.83 -17.43 6.87
CA VAL C 50 -27.10 -18.63 7.66
C VAL C 50 -27.46 -19.96 7.00
N ASP C 51 -27.78 -19.89 5.73
CA ASP C 51 -28.09 -21.08 4.93
C ASP C 51 -26.90 -21.98 4.76
N GLN C 52 -27.15 -23.29 4.71
CA GLN C 52 -26.16 -24.29 4.34
C GLN C 52 -25.36 -23.91 3.08
N PRO C 53 -24.03 -23.73 3.19
CA PRO C 53 -23.20 -23.54 2.03
C PRO C 53 -23.07 -24.77 1.13
N THR C 54 -22.77 -24.47 -0.13
CA THR C 54 -22.36 -25.55 -1.05
C THR C 54 -20.85 -25.54 -1.10
N GLU C 55 -20.20 -26.68 -0.91
CA GLU C 55 -18.76 -26.73 -1.18
C GLU C 55 -18.46 -27.74 -2.27
N PRO C 56 -18.29 -27.33 -3.55
CA PRO C 56 -18.21 -28.25 -4.68
C PRO C 56 -16.93 -29.08 -4.68
N ASP C 57 -15.96 -28.66 -3.86
CA ASP C 57 -14.70 -29.31 -3.65
C ASP C 57 -13.94 -29.69 -4.94
N VAL C 58 -13.59 -30.94 -5.28
CA VAL C 58 -12.76 -31.25 -6.47
C VAL C 58 -13.36 -30.83 -7.79
N ALA C 59 -14.69 -30.69 -7.90
CA ALA C 59 -15.28 -30.27 -9.16
C ALA C 59 -14.98 -28.83 -9.51
N ALA C 60 -14.71 -27.98 -8.50
CA ALA C 60 -14.33 -26.60 -8.72
C ALA C 60 -12.90 -26.28 -8.32
N CYS C 61 -12.30 -27.06 -7.42
CA CYS C 61 -10.96 -26.78 -6.93
C CYS C 61 -9.92 -27.64 -7.62
N ARG C 62 -9.62 -27.18 -8.84
CA ARG C 62 -8.75 -27.85 -9.78
C ARG C 62 -8.12 -26.84 -10.74
N PHE C 63 -7.02 -27.19 -11.39
CA PHE C 63 -6.33 -26.27 -12.28
C PHE C 63 -6.96 -25.97 -13.64
N TYR C 64 -7.49 -24.76 -13.78
CA TYR C 64 -8.01 -24.28 -15.05
C TYR C 64 -6.99 -23.44 -15.81
N THR C 65 -6.59 -23.89 -16.99
CA THR C 65 -5.68 -23.14 -17.86
C THR C 65 -6.36 -22.14 -18.76
N LEU C 66 -5.96 -20.87 -18.57
CA LEU C 66 -6.51 -19.79 -19.38
C LEU C 66 -5.92 -19.64 -20.77
N ASP C 67 -6.37 -18.69 -21.61
CA ASP C 67 -5.75 -18.58 -22.94
C ASP C 67 -4.33 -18.08 -22.93
N THR C 68 -3.45 -18.70 -23.72
CA THR C 68 -2.04 -18.31 -23.68
C THR C 68 -1.78 -17.00 -24.39
N VAL C 69 -1.00 -16.10 -23.78
CA VAL C 69 -0.67 -14.86 -24.46
C VAL C 69 0.78 -14.90 -24.90
N SER C 70 1.21 -13.93 -25.67
CA SER C 70 2.55 -13.92 -26.19
C SER C 70 3.41 -12.72 -25.75
N TRP C 71 4.58 -12.99 -25.18
CA TRP C 71 5.50 -11.97 -24.72
C TRP C 71 6.49 -11.62 -25.81
N THR C 72 6.49 -10.36 -26.18
CA THR C 72 7.43 -9.83 -27.20
C THR C 72 8.18 -8.59 -26.73
N LYS C 73 9.12 -8.07 -27.50
CA LYS C 73 9.90 -6.88 -27.11
C LYS C 73 9.01 -5.67 -26.91
N GLU C 74 7.81 -5.67 -27.50
CA GLU C 74 6.89 -4.57 -27.31
C GLU C 74 5.84 -4.76 -26.24
N SER C 75 5.81 -5.90 -25.56
CA SER C 75 4.82 -6.14 -24.53
C SER C 75 4.92 -5.16 -23.38
N ARG C 76 3.82 -4.55 -22.97
CA ARG C 76 3.92 -3.67 -21.82
C ARG C 76 3.39 -4.30 -20.55
N GLY C 77 2.65 -5.39 -20.66
CA GLY C 77 2.14 -6.05 -19.49
C GLY C 77 0.71 -6.51 -19.65
N TRP C 78 0.26 -7.37 -18.75
CA TRP C 78 -1.06 -7.99 -18.79
C TRP C 78 -1.73 -8.04 -17.42
N TRP C 79 -3.05 -8.05 -17.39
CA TRP C 79 -3.74 -8.19 -16.12
C TRP C 79 -5.00 -9.04 -16.17
N TRP C 80 -5.39 -9.64 -15.06
CA TRP C 80 -6.63 -10.42 -14.95
C TRP C 80 -7.28 -10.14 -13.62
N LYS C 81 -8.56 -10.36 -13.43
CA LYS C 81 -9.13 -10.21 -12.08
C LYS C 81 -9.67 -11.53 -11.57
N LEU C 82 -9.72 -11.78 -10.27
CA LEU C 82 -10.33 -13.00 -9.76
C LEU C 82 -11.45 -12.63 -8.82
N PRO C 83 -12.60 -13.30 -8.87
CA PRO C 83 -12.84 -14.45 -9.74
C PRO C 83 -13.18 -14.28 -11.22
N ASP C 84 -13.23 -13.05 -11.74
CA ASP C 84 -13.62 -12.81 -13.13
C ASP C 84 -12.97 -13.68 -14.21
N ALA C 85 -11.65 -13.75 -14.21
CA ALA C 85 -10.93 -14.62 -15.11
C ALA C 85 -11.42 -16.06 -15.17
N LEU C 86 -11.97 -16.57 -14.05
CA LEU C 86 -12.48 -17.93 -14.02
C LEU C 86 -13.97 -18.08 -14.21
N ARG C 87 -14.74 -17.02 -14.40
CA ARG C 87 -16.21 -17.09 -14.52
C ARG C 87 -16.82 -18.11 -15.49
N ASP C 88 -16.05 -18.50 -16.47
CA ASP C 88 -16.50 -19.50 -17.43
C ASP C 88 -15.84 -20.86 -17.37
N MET C 89 -15.19 -21.11 -16.26
CA MET C 89 -14.46 -22.34 -16.08
C MET C 89 -15.27 -23.39 -15.34
N GLY C 90 -15.64 -24.44 -16.07
CA GLY C 90 -16.38 -25.59 -15.56
C GLY C 90 -17.42 -25.34 -14.49
N LEU C 91 -17.46 -26.25 -13.52
CA LEU C 91 -18.40 -26.13 -12.42
C LEU C 91 -18.07 -24.98 -11.45
N PHE C 92 -16.85 -24.40 -11.45
CA PHE C 92 -16.59 -23.23 -10.63
C PHE C 92 -17.47 -22.04 -11.06
N GLY C 93 -17.39 -21.70 -12.34
CA GLY C 93 -18.17 -20.61 -12.91
C GLY C 93 -19.69 -20.78 -12.72
N GLN C 94 -20.13 -22.03 -12.86
CA GLN C 94 -21.50 -22.37 -12.63
C GLN C 94 -21.93 -22.12 -11.20
N ASN C 95 -21.10 -22.59 -10.26
CA ASN C 95 -21.39 -22.33 -8.88
C ASN C 95 -21.44 -20.85 -8.55
N MET C 96 -20.56 -20.10 -9.22
CA MET C 96 -20.50 -18.66 -9.11
C MET C 96 -21.76 -17.96 -9.60
N TYR C 97 -22.22 -18.21 -10.82
CA TYR C 97 -23.43 -17.57 -11.32
C TYR C 97 -24.73 -18.09 -10.71
N TYR C 98 -24.80 -19.27 -10.09
CA TYR C 98 -26.02 -19.71 -9.42
C TYR C 98 -26.34 -19.19 -8.02
N HIS C 99 -25.30 -18.62 -7.39
CA HIS C 99 -25.40 -18.18 -6.00
C HIS C 99 -25.26 -16.70 -5.83
N TYR C 100 -25.95 -16.10 -4.89
CA TYR C 100 -25.75 -14.67 -4.58
C TYR C 100 -24.32 -14.42 -4.09
N LEU C 101 -23.88 -15.32 -3.22
CA LEU C 101 -22.61 -15.17 -2.57
C LEU C 101 -21.63 -16.29 -2.84
N GLY C 102 -20.35 -15.97 -2.76
CA GLY C 102 -19.32 -16.98 -2.89
C GLY C 102 -17.97 -16.50 -2.36
N ARG C 103 -17.10 -17.36 -1.91
CA ARG C 103 -15.75 -16.95 -1.53
C ARG C 103 -14.78 -18.02 -1.97
N SER C 104 -13.54 -17.65 -2.25
CA SER C 104 -12.58 -18.63 -2.73
C SER C 104 -11.16 -18.15 -2.58
N GLY C 105 -10.26 -19.07 -2.32
CA GLY C 105 -8.84 -18.81 -2.42
C GLY C 105 -8.37 -19.34 -3.77
N TYR C 106 -7.09 -19.26 -4.11
CA TYR C 106 -6.59 -19.71 -5.40
C TYR C 106 -5.13 -20.09 -5.40
N THR C 107 -4.71 -21.10 -6.16
CA THR C 107 -3.31 -21.33 -6.45
C THR C 107 -3.13 -20.76 -7.86
N VAL C 108 -2.28 -19.74 -8.01
CA VAL C 108 -1.95 -19.21 -9.32
C VAL C 108 -0.57 -19.69 -9.81
N HIS C 109 -0.58 -20.35 -10.95
CA HIS C 109 0.65 -20.85 -11.52
C HIS C 109 0.91 -20.23 -12.90
N VAL C 110 1.82 -19.26 -12.96
CA VAL C 110 2.16 -18.63 -14.22
C VAL C 110 3.34 -19.36 -14.88
N GLN C 111 3.20 -19.71 -16.14
CA GLN C 111 4.19 -20.52 -16.86
C GLN C 111 4.88 -19.82 -18.00
N CYS C 112 6.21 -19.86 -18.05
CA CYS C 112 6.95 -19.21 -19.13
C CYS C 112 8.36 -19.77 -19.24
N ASN C 113 8.62 -20.65 -20.20
CA ASN C 113 9.97 -21.17 -20.40
C ASN C 113 10.65 -20.55 -21.62
N ALA C 114 11.97 -20.67 -21.77
CA ALA C 114 12.67 -20.08 -22.90
C ALA C 114 13.94 -20.87 -23.21
N SER C 115 15.15 -20.34 -23.05
CA SER C 115 16.37 -21.13 -23.19
C SER C 115 17.47 -20.42 -22.45
N LYS C 116 18.59 -21.08 -22.21
CA LYS C 116 19.75 -20.46 -21.57
C LYS C 116 20.42 -19.29 -22.29
N PHE C 117 19.93 -19.06 -23.49
CA PHE C 117 20.36 -17.98 -24.36
C PHE C 117 19.34 -16.85 -24.46
N HIS C 118 18.16 -16.98 -23.87
CA HIS C 118 17.22 -15.87 -23.87
C HIS C 118 17.38 -15.09 -22.58
N GLN C 119 16.73 -13.94 -22.48
CA GLN C 119 16.72 -13.22 -21.23
C GLN C 119 15.49 -12.33 -21.12
N GLY C 120 15.20 -12.01 -19.86
CA GLY C 120 14.08 -11.19 -19.54
C GLY C 120 13.49 -11.56 -18.20
N ALA C 121 12.76 -10.63 -17.62
CA ALA C 121 12.17 -10.85 -16.32
C ALA C 121 10.75 -10.31 -16.17
N LEU C 122 9.80 -11.20 -15.86
CA LEU C 122 8.41 -10.81 -15.55
C LEU C 122 8.12 -10.66 -14.06
N GLY C 123 7.65 -9.52 -13.62
CA GLY C 123 7.13 -9.38 -12.27
C GLY C 123 5.68 -9.89 -12.21
N VAL C 124 5.43 -10.91 -11.41
CA VAL C 124 4.08 -11.45 -11.24
C VAL C 124 3.53 -11.10 -9.86
N PHE C 125 2.60 -10.17 -9.89
CA PHE C 125 1.99 -9.58 -8.68
C PHE C 125 0.53 -9.94 -8.38
N ALA C 126 0.24 -10.42 -7.15
CA ALA C 126 -1.14 -10.64 -6.70
C ALA C 126 -1.54 -9.46 -5.83
N VAL C 127 -2.49 -8.67 -6.32
CA VAL C 127 -2.94 -7.45 -5.65
C VAL C 127 -4.36 -7.56 -5.10
N PRO C 128 -4.64 -7.36 -3.80
CA PRO C 128 -6.00 -7.40 -3.26
C PRO C 128 -6.71 -6.15 -3.74
N GLU C 129 -7.99 -6.19 -4.12
CA GLU C 129 -8.72 -5.00 -4.56
C GLU C 129 -7.96 -4.18 -5.61
N MET C 130 -7.59 -4.82 -6.71
CA MET C 130 -6.79 -4.13 -7.71
C MET C 130 -7.58 -3.16 -8.57
N CYS C 131 -7.98 -2.04 -7.98
CA CYS C 131 -8.74 -1.00 -8.70
C CYS C 131 -7.89 -0.30 -9.78
N LEU C 132 -8.26 -0.44 -11.05
CA LEU C 132 -7.50 0.21 -12.10
C LEU C 132 -8.11 1.53 -12.59
N ALA C 133 -7.27 2.48 -13.03
CA ALA C 133 -7.72 3.77 -13.52
C ALA C 133 -8.37 3.81 -14.89
N GLY C 134 -9.32 4.72 -15.05
CA GLY C 134 -10.10 4.80 -16.30
C GLY C 134 -9.42 5.59 -17.40
N ASP C 135 -10.00 5.55 -18.59
CA ASP C 135 -9.47 6.24 -19.76
C ASP C 135 -9.91 7.69 -19.90
N SER C 136 -10.72 8.17 -18.99
CA SER C 136 -11.26 9.51 -19.11
C SER C 136 -10.73 10.63 -18.25
N ASN C 137 -10.64 11.81 -18.85
CA ASN C 137 -10.43 13.03 -18.12
C ASN C 137 -11.63 13.96 -18.08
N THR C 138 -12.80 13.44 -18.41
CA THR C 138 -14.00 14.21 -18.25
C THR C 138 -14.85 13.55 -17.17
N THR C 139 -14.67 12.26 -16.85
CA THR C 139 -15.53 11.53 -15.92
C THR C 139 -14.75 10.49 -15.17
N THR C 140 -14.57 10.63 -13.89
CA THR C 140 -13.94 9.62 -13.07
C THR C 140 -14.87 8.43 -12.80
N MET C 141 -14.32 7.27 -12.45
CA MET C 141 -15.04 6.08 -12.02
C MET C 141 -16.10 5.53 -12.96
N HIS C 142 -15.80 5.73 -14.22
CA HIS C 142 -16.74 5.41 -15.25
C HIS C 142 -16.38 4.21 -16.10
N THR C 143 -15.40 3.37 -15.76
CA THR C 143 -15.14 2.17 -16.55
C THR C 143 -16.35 1.25 -16.47
N SER C 144 -16.96 0.88 -17.59
CA SER C 144 -18.15 0.04 -17.54
C SER C 144 -17.89 -1.37 -17.00
N TYR C 145 -18.91 -2.06 -16.50
CA TYR C 145 -18.77 -3.42 -15.99
C TYR C 145 -18.12 -4.36 -16.99
N GLN C 146 -18.60 -4.26 -18.22
CA GLN C 146 -18.12 -5.09 -19.32
C GLN C 146 -16.62 -4.90 -19.57
N ASN C 147 -16.14 -3.66 -19.59
CA ASN C 147 -14.74 -3.43 -19.74
C ASN C 147 -13.88 -3.70 -18.51
N ALA C 148 -14.44 -3.52 -17.31
CA ALA C 148 -13.71 -3.88 -16.09
C ALA C 148 -13.50 -5.40 -15.99
N ASN C 149 -14.42 -6.14 -16.61
CA ASN C 149 -14.42 -7.59 -16.55
C ASN C 149 -14.17 -8.35 -17.85
N PRO C 150 -12.93 -8.43 -18.35
CA PRO C 150 -12.59 -9.02 -19.62
C PRO C 150 -12.83 -10.52 -19.60
N GLY C 151 -13.10 -11.16 -18.45
CA GLY C 151 -13.07 -12.61 -18.40
C GLY C 151 -11.67 -13.21 -18.59
N GLU C 152 -11.51 -14.40 -19.15
CA GLU C 152 -10.20 -15.02 -19.21
C GLU C 152 -9.14 -14.39 -20.13
N LYS C 153 -9.57 -13.58 -21.09
CA LYS C 153 -8.62 -12.91 -21.98
C LYS C 153 -7.79 -11.84 -21.27
N GLY C 154 -8.32 -11.34 -20.14
CA GLY C 154 -7.60 -10.33 -19.40
C GLY C 154 -7.51 -9.00 -20.12
N GLY C 155 -6.66 -8.14 -19.61
CA GLY C 155 -6.43 -6.87 -20.25
C GLY C 155 -4.94 -6.63 -20.37
N THR C 156 -4.57 -5.45 -20.81
CA THR C 156 -3.15 -5.14 -20.88
C THR C 156 -2.78 -3.80 -20.33
N PHE C 157 -1.51 -3.66 -19.95
CA PHE C 157 -1.03 -2.36 -19.54
C PHE C 157 -0.53 -1.58 -20.75
N THR C 158 -0.41 -0.27 -20.59
CA THR C 158 0.08 0.59 -21.66
C THR C 158 1.22 1.46 -21.19
N GLY C 159 2.17 1.83 -22.02
CA GLY C 159 3.21 2.74 -21.57
C GLY C 159 2.78 4.18 -21.64
N THR C 160 1.63 4.46 -22.25
CA THR C 160 1.17 5.83 -22.46
C THR C 160 -0.25 6.09 -22.05
N PHE C 161 -0.53 7.19 -21.36
CA PHE C 161 -1.94 7.51 -21.13
C PHE C 161 -2.60 8.21 -22.32
N THR C 162 -3.46 7.58 -23.13
CA THR C 162 -4.21 8.32 -24.15
C THR C 162 -5.64 8.50 -23.67
N PRO C 163 -6.07 9.68 -23.19
CA PRO C 163 -7.41 9.94 -22.71
C PRO C 163 -8.47 9.82 -23.78
N ASP C 164 -9.60 9.18 -23.47
CA ASP C 164 -10.72 9.06 -24.39
C ASP C 164 -11.46 10.38 -24.64
N ASN C 165 -11.26 10.90 -25.82
CA ASN C 165 -11.97 12.12 -26.16
C ASN C 165 -13.35 12.06 -26.78
N ASN C 166 -13.86 10.89 -27.16
CA ASN C 166 -15.21 10.75 -27.67
C ASN C 166 -16.20 10.90 -26.55
N GLN C 167 -16.66 12.13 -26.41
CA GLN C 167 -17.66 12.44 -25.40
C GLN C 167 -19.08 12.04 -25.74
N THR C 168 -19.33 11.74 -27.00
CA THR C 168 -20.64 11.31 -27.42
C THR C 168 -20.94 9.87 -27.01
N SER C 169 -19.95 9.04 -27.29
CA SER C 169 -19.95 7.63 -26.93
C SER C 169 -18.59 7.20 -26.44
N PRO C 170 -18.34 7.48 -25.14
CA PRO C 170 -17.11 7.14 -24.47
C PRO C 170 -16.70 5.67 -24.45
N ALA C 171 -15.43 5.40 -24.66
CA ALA C 171 -14.91 4.03 -24.58
C ALA C 171 -15.23 3.30 -23.28
N ARG C 172 -15.19 4.05 -22.19
CA ARG C 172 -15.53 3.56 -20.88
C ARG C 172 -14.76 2.35 -20.40
N ARG C 173 -13.50 2.41 -20.76
CA ARG C 173 -12.61 1.37 -20.33
C ARG C 173 -11.39 1.86 -19.56
N PHE C 174 -10.63 0.92 -19.01
CA PHE C 174 -9.44 1.28 -18.25
C PHE C 174 -8.33 1.84 -19.13
N CYS C 175 -7.40 2.56 -18.54
CA CYS C 175 -6.22 2.94 -19.28
C CYS C 175 -5.01 2.76 -18.38
N PRO C 176 -4.64 1.53 -18.04
CA PRO C 176 -3.70 1.21 -17.00
C PRO C 176 -2.26 1.46 -17.43
N VAL C 177 -1.65 2.55 -16.95
CA VAL C 177 -0.29 2.89 -17.34
C VAL C 177 0.71 2.07 -16.53
N ASP C 178 1.58 1.35 -17.23
CA ASP C 178 2.50 0.47 -16.58
C ASP C 178 3.41 1.00 -15.48
N TYR C 179 4.28 2.03 -15.59
CA TYR C 179 5.10 2.43 -14.44
C TYR C 179 4.29 2.97 -13.27
N LEU C 180 3.01 3.16 -13.52
CA LEU C 180 2.08 3.54 -12.48
C LEU C 180 1.17 2.42 -11.98
N LEU C 181 1.55 1.16 -12.22
CA LEU C 181 0.79 -0.05 -11.86
C LEU C 181 -0.68 -0.01 -12.20
N GLY C 182 -1.01 0.78 -13.24
CA GLY C 182 -2.38 1.00 -13.66
C GLY C 182 -3.27 1.70 -12.65
N ASN C 183 -2.76 2.13 -11.52
CA ASN C 183 -3.57 2.74 -10.47
C ASN C 183 -3.01 4.00 -9.81
N GLY C 184 -2.07 4.68 -10.45
CA GLY C 184 -1.57 5.94 -9.92
C GLY C 184 -0.54 5.80 -8.80
N THR C 185 0.10 4.63 -8.71
CA THR C 185 1.17 4.41 -7.71
C THR C 185 2.38 3.81 -8.41
N LEU C 186 3.62 4.01 -7.98
CA LEU C 186 4.75 3.53 -8.75
C LEU C 186 5.01 2.04 -8.78
N LEU C 187 5.22 1.46 -9.97
CA LEU C 187 5.45 0.02 -10.09
C LEU C 187 6.56 -0.55 -9.21
N GLY C 188 7.65 0.19 -9.04
CA GLY C 188 8.77 -0.22 -8.20
C GLY C 188 8.39 -0.63 -6.78
N ASN C 189 7.24 -0.17 -6.33
CA ASN C 189 6.72 -0.57 -5.03
C ASN C 189 5.74 -1.74 -5.01
N ALA C 190 5.26 -2.22 -6.15
CA ALA C 190 4.33 -3.34 -6.19
C ALA C 190 4.82 -4.62 -5.52
N PHE C 191 6.15 -4.67 -5.26
CA PHE C 191 6.73 -5.77 -4.51
C PHE C 191 6.22 -5.87 -3.07
N VAL C 192 5.61 -4.83 -2.49
CA VAL C 192 4.97 -5.00 -1.18
C VAL C 192 3.71 -5.89 -1.29
N PHE C 193 3.20 -6.10 -2.50
CA PHE C 193 2.15 -7.10 -2.69
C PHE C 193 2.76 -8.47 -2.89
N PRO C 194 2.11 -9.57 -2.47
CA PRO C 194 2.60 -10.92 -2.72
C PRO C 194 3.02 -11.16 -4.16
N HIS C 195 4.28 -11.55 -4.40
CA HIS C 195 4.76 -11.70 -5.75
C HIS C 195 5.85 -12.72 -5.93
N GLN C 196 6.14 -13.02 -7.18
CA GLN C 196 7.36 -13.74 -7.55
C GLN C 196 7.91 -13.11 -8.81
N ILE C 197 9.17 -13.32 -9.20
CA ILE C 197 9.62 -12.81 -10.49
C ILE C 197 9.94 -13.97 -11.43
N ILE C 198 9.50 -14.04 -12.69
CA ILE C 198 10.02 -15.06 -13.61
C ILE C 198 11.19 -14.40 -14.33
N ASN C 199 12.42 -14.71 -13.91
CA ASN C 199 13.64 -14.20 -14.53
C ASN C 199 14.17 -15.40 -15.31
N LEU C 200 14.11 -15.32 -16.63
CA LEU C 200 14.38 -16.47 -17.50
C LEU C 200 15.61 -17.30 -17.25
N ARG C 201 16.73 -16.71 -16.83
CA ARG C 201 17.87 -17.50 -16.44
C ARG C 201 17.71 -18.36 -15.18
N THR C 202 16.85 -17.95 -14.25
CA THR C 202 16.63 -18.60 -12.96
C THR C 202 15.48 -19.57 -12.90
N ASN C 203 14.30 -19.14 -13.29
CA ASN C 203 13.10 -19.96 -13.17
C ASN C 203 12.17 -19.81 -14.36
N ASN C 204 11.27 -20.78 -14.58
CA ASN C 204 10.31 -20.69 -15.67
C ASN C 204 8.86 -20.60 -15.23
N CYS C 205 8.65 -20.32 -13.96
CA CYS C 205 7.29 -20.16 -13.42
C CYS C 205 7.21 -19.36 -12.16
N ALA C 206 5.99 -18.92 -11.88
CA ALA C 206 5.66 -18.26 -10.62
C ALA C 206 4.49 -19.01 -10.00
N THR C 207 4.51 -19.16 -8.69
CA THR C 207 3.41 -19.80 -8.02
C THR C 207 3.01 -19.05 -6.78
N LEU C 208 1.79 -18.55 -6.85
CA LEU C 208 1.24 -17.82 -5.73
C LEU C 208 0.01 -18.49 -5.15
N VAL C 209 0.08 -18.89 -3.87
CA VAL C 209 -1.11 -19.40 -3.18
C VAL C 209 -1.80 -18.22 -2.48
N LEU C 210 -2.99 -17.90 -2.93
CA LEU C 210 -3.79 -16.79 -2.42
C LEU C 210 -5.01 -17.12 -1.53
N PRO C 211 -5.08 -16.65 -0.28
CA PRO C 211 -6.22 -16.80 0.61
C PRO C 211 -7.37 -15.93 0.10
N TYR C 212 -8.60 -16.22 0.51
CA TYR C 212 -9.64 -15.25 0.32
C TYR C 212 -9.34 -14.04 1.21
N VAL C 213 -9.26 -12.88 0.58
CA VAL C 213 -9.02 -11.59 1.23
C VAL C 213 -10.14 -10.65 0.87
N ASN C 214 -10.77 -10.04 1.90
CA ASN C 214 -11.86 -9.11 1.71
C ASN C 214 -12.21 -8.43 3.03
N SER C 215 -12.90 -7.28 3.03
CA SER C 215 -13.36 -6.70 4.29
C SER C 215 -14.59 -7.44 4.85
N LEU C 216 -15.06 -8.50 4.18
CA LEU C 216 -16.19 -9.35 4.56
C LEU C 216 -15.84 -10.84 4.54
N SER C 217 -16.59 -11.68 5.25
CA SER C 217 -16.41 -13.14 5.17
C SER C 217 -16.80 -13.78 3.83
N ILE C 218 -17.85 -13.28 3.22
CA ILE C 218 -18.31 -13.74 1.92
C ILE C 218 -18.97 -12.55 1.19
N ASP C 219 -18.97 -12.57 -0.14
CA ASP C 219 -19.48 -11.44 -0.92
C ASP C 219 -20.00 -11.85 -2.32
N SER C 220 -20.59 -10.96 -3.08
CA SER C 220 -20.95 -11.15 -4.48
C SER C 220 -19.75 -11.31 -5.42
N MET C 221 -19.47 -12.53 -5.88
CA MET C 221 -18.39 -12.77 -6.82
C MET C 221 -18.68 -12.08 -8.16
N VAL C 222 -19.94 -12.04 -8.55
CA VAL C 222 -20.29 -11.38 -9.80
C VAL C 222 -20.07 -9.86 -9.80
N LYS C 223 -20.35 -9.19 -8.67
CA LYS C 223 -20.11 -7.76 -8.54
C LYS C 223 -18.71 -7.33 -8.19
N HIS C 224 -17.96 -8.19 -7.51
CA HIS C 224 -16.67 -7.76 -6.96
C HIS C 224 -15.52 -8.72 -7.14
N ASN C 225 -14.39 -8.20 -7.57
CA ASN C 225 -13.19 -9.02 -7.67
C ASN C 225 -12.30 -8.86 -6.46
N ASN C 226 -11.88 -9.97 -5.88
CA ASN C 226 -11.06 -9.90 -4.68
C ASN C 226 -9.59 -9.68 -4.96
N TRP C 227 -9.07 -10.32 -5.99
CA TRP C 227 -7.66 -10.20 -6.31
C TRP C 227 -7.44 -9.75 -7.74
N GLY C 228 -6.30 -9.12 -8.02
CA GLY C 228 -5.95 -8.82 -9.39
C GLY C 228 -4.61 -9.51 -9.67
N ILE C 229 -4.44 -10.15 -10.81
CA ILE C 229 -3.15 -10.72 -11.12
C ILE C 229 -2.54 -9.79 -12.16
N ALA C 230 -1.42 -9.14 -11.83
CA ALA C 230 -0.76 -8.28 -12.80
C ALA C 230 0.61 -8.79 -13.14
N ILE C 231 0.84 -8.94 -14.44
CA ILE C 231 2.15 -9.40 -14.95
C ILE C 231 2.83 -8.34 -15.81
N LEU C 232 3.97 -7.80 -15.38
CA LEU C 232 4.71 -6.84 -16.18
C LEU C 232 6.18 -7.16 -16.43
N PRO C 233 6.73 -6.84 -17.60
CA PRO C 233 8.15 -7.09 -17.91
C PRO C 233 9.06 -6.14 -17.16
N LEU C 234 9.74 -6.61 -16.15
CA LEU C 234 10.68 -5.81 -15.39
C LEU C 234 11.98 -5.61 -16.14
N ALA C 235 12.35 -6.66 -16.87
CA ALA C 235 13.46 -6.54 -17.83
C ALA C 235 12.94 -7.17 -19.10
N PRO C 236 13.06 -6.48 -20.23
CA PRO C 236 12.52 -6.87 -21.54
C PRO C 236 13.00 -8.17 -22.12
N LEU C 237 12.13 -8.79 -22.91
CA LEU C 237 12.49 -10.01 -23.60
C LEU C 237 13.61 -9.79 -24.63
N ASN C 238 14.56 -10.69 -24.58
CA ASN C 238 15.69 -10.63 -25.48
C ASN C 238 16.31 -11.96 -25.80
N PHE C 239 16.67 -12.19 -27.04
CA PHE C 239 17.19 -13.47 -27.43
C PHE C 239 18.20 -13.39 -28.58
N ALA C 240 19.33 -14.09 -28.38
CA ALA C 240 20.43 -14.17 -29.34
C ALA C 240 20.74 -12.79 -29.88
N SER C 241 20.51 -12.53 -31.16
CA SER C 241 20.51 -11.13 -31.61
C SER C 241 19.23 -10.86 -32.40
N GLU C 242 18.19 -11.67 -32.14
CA GLU C 242 16.93 -11.50 -32.86
C GLU C 242 16.23 -10.23 -32.42
N SER C 243 15.67 -9.60 -33.41
CA SER C 243 14.93 -8.37 -33.20
C SER C 243 13.49 -8.49 -32.78
N SER C 244 12.88 -9.63 -33.15
CA SER C 244 11.48 -9.96 -32.79
C SER C 244 11.33 -11.29 -32.08
N PRO C 245 11.96 -11.49 -30.90
CA PRO C 245 11.75 -12.69 -30.14
C PRO C 245 10.31 -12.71 -29.61
N GLU C 246 9.84 -13.91 -29.34
CA GLU C 246 8.54 -14.16 -28.78
C GLU C 246 8.64 -15.39 -27.91
N ILE C 247 8.12 -15.37 -26.68
CA ILE C 247 7.92 -16.62 -25.95
C ILE C 247 6.53 -16.56 -25.37
N PRO C 248 5.84 -17.69 -25.20
CA PRO C 248 4.47 -17.68 -24.71
C PRO C 248 4.40 -17.56 -23.19
N ILE C 249 3.33 -17.01 -22.67
CA ILE C 249 3.06 -17.02 -21.24
C ILE C 249 1.72 -17.73 -21.04
N THR C 250 1.72 -18.78 -20.23
CA THR C 250 0.45 -19.41 -19.89
C THR C 250 0.03 -19.29 -18.42
N LEU C 251 -1.18 -18.84 -18.16
CA LEU C 251 -1.78 -18.85 -16.84
C LEU C 251 -2.58 -20.10 -16.45
N THR C 252 -2.32 -20.79 -15.35
CA THR C 252 -3.21 -21.86 -14.89
C THR C 252 -3.61 -21.52 -13.47
N ILE C 253 -4.89 -21.36 -13.17
CA ILE C 253 -5.35 -21.02 -11.81
C ILE C 253 -6.30 -22.09 -11.23
N ALA C 254 -6.13 -22.43 -9.97
CA ALA C 254 -7.07 -23.34 -9.31
C ALA C 254 -7.79 -22.68 -8.13
N PRO C 255 -9.12 -22.61 -8.10
CA PRO C 255 -9.82 -22.22 -6.89
C PRO C 255 -9.58 -23.20 -5.75
N MET C 256 -9.60 -22.69 -4.52
CA MET C 256 -9.34 -23.47 -3.31
C MET C 256 -10.29 -23.14 -2.19
N CYS C 257 -10.74 -24.11 -1.38
CA CYS C 257 -11.65 -23.91 -0.24
C CYS C 257 -12.80 -22.94 -0.57
N CYS C 258 -13.41 -23.16 -1.72
CA CYS C 258 -14.47 -22.24 -2.12
C CYS C 258 -15.87 -22.67 -1.71
N GLU C 259 -16.66 -21.73 -1.21
CA GLU C 259 -18.01 -22.07 -0.79
C GLU C 259 -18.95 -20.96 -1.19
N PHE C 260 -20.21 -21.40 -1.39
CA PHE C 260 -21.21 -20.50 -1.95
C PHE C 260 -22.51 -20.49 -1.18
N ASN C 261 -23.10 -19.31 -1.06
CA ASN C 261 -24.37 -19.16 -0.36
C ASN C 261 -25.40 -18.39 -1.19
N GLY C 262 -26.69 -18.48 -0.85
CA GLY C 262 -27.72 -17.74 -1.52
C GLY C 262 -28.13 -18.34 -2.86
N LEU C 263 -28.40 -19.63 -2.96
CA LEU C 263 -28.81 -20.24 -4.22
C LEU C 263 -30.15 -19.76 -4.79
N ARG C 264 -30.20 -19.43 -6.05
CA ARG C 264 -31.44 -19.04 -6.75
C ARG C 264 -31.33 -19.52 -8.22
N ASN C 265 -32.04 -18.86 -9.15
CA ASN C 265 -31.85 -19.09 -10.59
C ASN C 265 -30.51 -18.53 -11.04
N ILE C 266 -29.96 -18.94 -12.17
CA ILE C 266 -28.64 -18.45 -12.58
C ILE C 266 -28.54 -16.99 -12.99
N THR C 267 -27.50 -16.32 -12.57
CA THR C 267 -27.18 -15.00 -13.13
C THR C 267 -26.77 -15.04 -14.61
N LEU C 268 -27.38 -14.20 -15.43
CA LEU C 268 -26.98 -14.09 -16.83
C LEU C 268 -26.56 -12.68 -17.17
N PRO C 269 -25.27 -12.37 -17.05
CA PRO C 269 -24.75 -10.99 -17.03
C PRO C 269 -24.66 -10.43 -18.45
N ARG C 270 -24.72 -9.13 -18.57
CA ARG C 270 -24.43 -8.43 -19.81
C ARG C 270 -22.91 -8.20 -19.86
N LEU C 271 -22.24 -9.03 -20.64
CA LEU C 271 -20.79 -8.97 -20.73
C LEU C 271 -20.16 -8.29 -21.93
N GLN C 272 -20.92 -8.15 -22.97
CA GLN C 272 -20.50 -7.32 -24.07
C GLN C 272 -21.39 -6.07 -24.03
N GLY D 1 -19.26 24.24 44.23
CA GLY D 1 -18.50 23.34 43.35
C GLY D 1 -17.05 23.05 43.73
N LEU D 2 -16.36 21.97 43.35
CA LEU D 2 -14.92 21.81 43.64
C LEU D 2 -14.08 22.98 43.14
N PRO D 3 -13.33 23.69 43.96
CA PRO D 3 -12.46 24.79 43.52
C PRO D 3 -11.44 24.37 42.51
N VAL D 4 -11.43 24.99 41.35
CA VAL D 4 -10.49 24.67 40.25
C VAL D 4 -9.80 25.89 39.64
N MET D 5 -8.62 25.78 39.07
CA MET D 5 -7.98 26.92 38.42
C MET D 5 -7.43 26.51 37.06
N ASN D 6 -8.06 27.13 36.08
CA ASN D 6 -7.69 26.92 34.68
C ASN D 6 -6.22 27.18 34.41
N THR D 7 -5.44 26.21 33.94
CA THR D 7 -4.00 26.44 33.61
C THR D 7 -3.77 26.91 32.18
N PRO D 8 -2.62 27.38 31.70
CA PRO D 8 -2.40 27.54 30.29
C PRO D 8 -2.55 26.27 29.46
N GLY D 9 -2.97 26.45 28.22
CA GLY D 9 -3.32 25.37 27.33
C GLY D 9 -4.84 25.17 27.29
N SER D 10 -5.54 25.73 28.27
CA SER D 10 -7.00 25.61 28.38
C SER D 10 -7.77 26.02 27.15
N ASN D 11 -8.71 25.18 26.69
CA ASN D 11 -9.52 25.45 25.51
C ASN D 11 -8.78 25.37 24.16
N GLN D 12 -7.47 25.11 24.11
CA GLN D 12 -6.79 24.96 22.84
C GLN D 12 -7.12 23.63 22.14
N TYR D 13 -6.99 23.65 20.81
CA TYR D 13 -7.05 22.37 20.13
C TYR D 13 -5.68 22.01 19.55
N LEU D 14 -5.00 21.01 20.11
CA LEU D 14 -3.76 20.52 19.56
C LEU D 14 -4.04 19.29 18.72
N THR D 15 -3.73 19.25 17.45
CA THR D 15 -4.07 18.10 16.59
C THR D 15 -3.45 16.74 16.94
N ALA D 16 -2.37 16.85 17.71
CA ALA D 16 -1.69 15.69 18.25
C ALA D 16 -2.19 15.28 19.65
N ASP D 17 -3.19 15.92 20.25
CA ASP D 17 -3.62 15.55 21.59
C ASP D 17 -4.25 14.16 21.74
N ASN D 18 -4.44 13.66 22.95
CA ASN D 18 -4.98 12.34 23.14
C ASN D 18 -5.98 12.30 24.27
N PHE D 19 -7.12 12.92 24.10
CA PHE D 19 -8.12 13.01 25.15
C PHE D 19 -9.39 12.21 24.89
N GLN D 20 -10.18 12.00 25.91
CA GLN D 20 -11.49 11.37 25.72
C GLN D 20 -12.52 12.37 25.19
N SER D 21 -13.59 11.86 24.63
CA SER D 21 -14.71 12.70 24.22
C SER D 21 -16.05 11.97 24.13
N PRO D 22 -17.21 12.63 24.15
CA PRO D 22 -18.47 11.96 24.14
C PRO D 22 -18.77 11.20 22.87
N CYS D 23 -19.35 10.00 22.98
CA CYS D 23 -19.69 9.25 21.79
C CYS D 23 -21.06 9.65 21.23
N ALA D 24 -21.03 10.10 19.96
CA ALA D 24 -22.24 10.53 19.27
C ALA D 24 -23.22 9.42 18.95
N LEU D 25 -22.74 8.16 18.90
CA LEU D 25 -23.63 7.02 18.71
C LEU D 25 -23.53 6.00 19.86
N PRO D 26 -24.17 6.31 20.99
CA PRO D 26 -24.21 5.46 22.19
C PRO D 26 -24.80 4.07 21.96
N GLU D 27 -24.35 3.04 22.64
CA GLU D 27 -24.84 1.68 22.46
C GLU D 27 -24.95 1.10 21.05
N PHE D 28 -24.21 1.69 20.11
CA PHE D 28 -24.10 1.19 18.76
C PHE D 28 -23.56 -0.25 18.70
N ASP D 29 -24.23 -1.13 18.01
CA ASP D 29 -23.77 -2.49 17.86
C ASP D 29 -22.60 -2.66 16.89
N VAL D 30 -21.36 -2.57 17.34
CA VAL D 30 -20.24 -2.72 16.42
C VAL D 30 -20.09 -4.09 15.75
N THR D 31 -19.81 -4.10 14.44
CA THR D 31 -19.48 -5.34 13.74
C THR D 31 -18.10 -5.79 14.21
N PRO D 32 -18.02 -7.05 14.69
CA PRO D 32 -16.79 -7.69 15.10
C PRO D 32 -15.76 -7.74 13.99
N PRO D 33 -14.45 -7.80 14.30
CA PRO D 33 -13.42 -8.01 13.29
C PRO D 33 -13.48 -9.45 12.80
N ILE D 34 -12.91 -9.71 11.64
CA ILE D 34 -12.63 -11.07 11.21
C ILE D 34 -11.13 -11.14 10.95
N ASP D 35 -10.50 -12.30 10.76
CA ASP D 35 -9.07 -12.37 10.64
C ASP D 35 -8.59 -12.22 9.20
N ILE D 36 -8.61 -10.96 8.78
CA ILE D 36 -8.20 -10.60 7.44
C ILE D 36 -6.70 -10.83 7.32
N PRO D 37 -6.20 -11.58 6.34
CA PRO D 37 -4.78 -11.70 6.11
C PRO D 37 -4.06 -10.39 5.73
N GLY D 38 -2.82 -10.19 6.15
CA GLY D 38 -2.05 -9.02 5.81
C GLY D 38 -2.11 -7.89 6.84
N GLU D 39 -2.43 -8.17 8.11
CA GLU D 39 -2.43 -7.13 9.11
C GLU D 39 -1.03 -6.56 9.36
N VAL D 40 -0.95 -5.24 9.40
CA VAL D 40 0.31 -4.58 9.68
C VAL D 40 0.29 -3.95 11.07
N LYS D 41 1.34 -4.07 11.86
CA LYS D 41 1.33 -3.36 13.15
C LYS D 41 2.29 -2.16 13.26
N ASN D 42 3.30 -2.04 12.40
CA ASN D 42 4.23 -0.92 12.44
C ASN D 42 4.75 -0.58 11.04
N MET D 43 4.76 0.70 10.66
CA MET D 43 5.22 1.12 9.34
C MET D 43 6.63 0.63 8.96
N MET D 44 7.54 0.38 9.92
CA MET D 44 8.83 -0.19 9.57
C MET D 44 8.78 -1.60 9.04
N GLU D 45 7.70 -2.35 9.30
CA GLU D 45 7.53 -3.65 8.62
C GLU D 45 7.55 -3.42 7.10
N LEU D 46 6.87 -2.36 6.64
CA LEU D 46 6.83 -2.09 5.21
C LEU D 46 8.19 -1.69 4.66
N ALA D 47 8.93 -0.90 5.43
CA ALA D 47 10.28 -0.52 5.03
C ALA D 47 11.27 -1.67 4.93
N GLU D 48 10.99 -2.82 5.56
CA GLU D 48 11.91 -3.97 5.45
C GLU D 48 11.65 -4.84 4.24
N ILE D 49 10.62 -4.54 3.46
CA ILE D 49 10.31 -5.24 2.22
C ILE D 49 11.13 -4.66 1.07
N ASP D 50 11.77 -5.49 0.24
CA ASP D 50 12.41 -4.98 -0.97
C ASP D 50 11.52 -4.32 -2.00
N THR D 51 11.74 -3.04 -2.33
CA THR D 51 11.07 -2.44 -3.48
C THR D 51 12.11 -1.96 -4.49
N MET D 52 11.81 -1.92 -5.79
CA MET D 52 12.80 -1.66 -6.84
C MET D 52 13.26 -0.21 -7.09
N ILE D 53 14.56 0.06 -7.24
CA ILE D 53 15.04 1.43 -7.41
C ILE D 53 14.92 1.98 -8.82
N PRO D 54 14.44 3.24 -9.01
CA PRO D 54 14.37 3.89 -10.32
C PRO D 54 15.78 4.47 -10.56
N PHE D 55 16.80 3.66 -10.78
CA PHE D 55 18.16 4.17 -10.89
C PHE D 55 18.44 5.14 -12.02
N ASP D 56 17.89 4.83 -13.18
CA ASP D 56 18.21 5.62 -14.35
C ASP D 56 17.23 6.73 -14.65
N LEU D 57 17.30 7.81 -13.90
CA LEU D 57 16.39 8.90 -14.12
C LEU D 57 16.80 9.94 -15.16
N SER D 58 17.41 9.45 -16.24
CA SER D 58 17.77 10.29 -17.38
C SER D 58 16.55 10.99 -17.95
N ALA D 59 16.64 12.12 -18.62
CA ALA D 59 15.48 12.80 -19.18
C ALA D 59 14.57 11.96 -20.06
N THR D 60 15.15 11.04 -20.79
CA THR D 60 14.30 10.17 -21.59
C THR D 60 13.83 8.93 -20.88
N LYS D 61 14.61 8.38 -19.95
CA LYS D 61 14.18 7.20 -19.22
C LYS D 61 13.31 7.48 -18.03
N LYS D 62 13.35 8.65 -17.39
CA LYS D 62 12.50 8.91 -16.24
C LYS D 62 11.00 8.88 -16.50
N ASN D 63 10.23 8.54 -15.46
CA ASN D 63 8.78 8.35 -15.54
C ASN D 63 8.33 7.42 -16.66
N THR D 64 9.21 6.44 -16.90
CA THR D 64 8.90 5.35 -17.81
C THR D 64 9.49 4.10 -17.17
N MET D 65 9.06 2.93 -17.57
CA MET D 65 9.58 1.66 -17.07
C MET D 65 11.09 1.48 -17.15
N GLU D 66 11.70 2.11 -18.14
CA GLU D 66 13.15 2.12 -18.32
C GLU D 66 14.02 2.59 -17.16
N MET D 67 13.49 3.50 -16.35
CA MET D 67 14.19 4.01 -15.18
C MET D 67 14.64 2.96 -14.15
N TYR D 68 13.97 1.83 -14.17
CA TYR D 68 14.30 0.72 -13.30
C TYR D 68 15.42 -0.18 -13.81
N ARG D 69 15.79 -0.05 -15.08
CA ARG D 69 16.80 -0.91 -15.68
C ARG D 69 18.21 -0.37 -15.80
N VAL D 70 19.16 -0.97 -15.10
CA VAL D 70 20.55 -0.57 -15.28
C VAL D 70 21.23 -1.43 -16.34
N ARG D 71 21.51 -0.82 -17.48
CA ARG D 71 22.15 -1.53 -18.56
C ARG D 71 23.65 -1.78 -18.39
N LEU D 72 23.94 -3.05 -18.56
CA LEU D 72 25.29 -3.56 -18.54
C LEU D 72 25.62 -4.14 -19.90
N SER D 73 26.91 -4.22 -20.24
CA SER D 73 27.28 -4.91 -21.47
C SER D 73 28.57 -5.67 -21.38
N ASP D 74 28.86 -6.56 -22.33
CA ASP D 74 30.09 -7.35 -22.25
C ASP D 74 31.40 -6.66 -22.67
N LYS D 75 31.40 -5.33 -22.71
CA LYS D 75 32.58 -4.57 -23.03
C LYS D 75 33.81 -4.85 -22.18
N PRO D 76 35.02 -4.57 -22.66
CA PRO D 76 36.21 -4.75 -21.89
C PRO D 76 36.18 -4.03 -20.55
N HIS D 77 36.94 -4.62 -19.61
CA HIS D 77 37.06 -4.06 -18.30
C HIS D 77 37.39 -2.59 -18.28
N THR D 78 36.64 -1.93 -17.42
CA THR D 78 36.89 -0.53 -17.10
C THR D 78 36.85 -0.33 -15.60
N ASP D 79 37.40 0.75 -15.06
CA ASP D 79 37.26 1.07 -13.65
C ASP D 79 36.30 2.23 -13.40
N ASP D 80 35.49 2.44 -14.43
CA ASP D 80 34.46 3.45 -14.37
C ASP D 80 33.09 2.99 -13.90
N PRO D 81 32.33 3.82 -13.19
CA PRO D 81 31.20 3.36 -12.41
C PRO D 81 30.02 2.89 -13.28
N ILE D 82 29.37 1.79 -12.99
CA ILE D 82 28.08 1.49 -13.62
C ILE D 82 27.01 2.50 -13.14
N LEU D 83 26.97 2.79 -11.83
CA LEU D 83 26.02 3.75 -11.30
C LEU D 83 26.60 4.46 -10.07
N CYS D 84 26.10 5.64 -9.73
CA CYS D 84 26.54 6.37 -8.55
C CYS D 84 25.34 6.93 -7.80
N LEU D 85 25.25 6.72 -6.51
CA LEU D 85 24.05 7.07 -5.76
C LEU D 85 24.38 7.70 -4.42
N SER D 86 23.68 8.75 -4.02
CA SER D 86 23.89 9.26 -2.66
C SER D 86 23.14 8.56 -1.54
N LEU D 87 23.75 8.22 -0.37
CA LEU D 87 22.93 7.61 0.68
C LEU D 87 22.16 8.65 1.49
N SER D 88 21.08 9.06 0.85
CA SER D 88 20.10 10.01 1.41
C SER D 88 18.69 9.46 1.14
N PRO D 89 18.28 8.42 1.86
CA PRO D 89 17.20 7.53 1.45
C PRO D 89 15.88 8.28 1.27
N ALA D 90 15.66 9.40 1.97
CA ALA D 90 14.42 10.17 1.80
C ALA D 90 14.46 11.30 0.78
N SER D 91 15.64 11.69 0.29
CA SER D 91 15.80 12.83 -0.59
C SER D 91 16.49 12.60 -1.92
N ASP D 92 17.48 11.71 -2.02
CA ASP D 92 18.04 11.33 -3.31
C ASP D 92 16.87 10.89 -4.22
N PRO D 93 16.71 11.42 -5.43
CA PRO D 93 15.53 11.21 -6.27
C PRO D 93 15.34 9.74 -6.62
N ARG D 94 16.44 9.00 -6.65
CA ARG D 94 16.39 7.57 -6.92
C ARG D 94 15.91 6.72 -5.78
N LEU D 95 15.97 7.22 -4.56
CA LEU D 95 15.52 6.49 -3.38
C LEU D 95 14.24 7.03 -2.79
N SER D 96 14.00 8.33 -2.87
CA SER D 96 12.83 8.98 -2.25
C SER D 96 11.46 8.40 -2.60
N HIS D 97 11.35 7.77 -3.76
CA HIS D 97 10.09 7.14 -4.17
C HIS D 97 9.92 5.67 -3.96
N THR D 98 10.96 5.03 -3.42
CA THR D 98 10.86 3.62 -3.05
C THR D 98 9.93 3.49 -1.87
N MET D 99 9.42 2.34 -1.48
CA MET D 99 8.54 2.27 -0.31
C MET D 99 9.21 2.80 0.97
N LEU D 100 10.47 2.44 1.20
CA LEU D 100 11.28 3.01 2.27
C LEU D 100 11.34 4.53 2.18
N GLY D 101 11.62 5.05 0.99
CA GLY D 101 11.74 6.50 0.78
C GLY D 101 10.44 7.21 1.13
N GLU D 102 9.34 6.66 0.63
CA GLU D 102 8.03 7.20 0.91
C GLU D 102 7.68 7.32 2.38
N ILE D 103 7.90 6.22 3.13
CA ILE D 103 7.62 6.22 4.57
C ILE D 103 8.53 7.22 5.31
N LEU D 104 9.78 7.29 4.89
CA LEU D 104 10.70 8.24 5.46
C LEU D 104 10.30 9.69 5.24
N ASN D 105 9.56 10.00 4.16
CA ASN D 105 9.05 11.38 4.03
C ASN D 105 7.82 11.71 4.89
N TYR D 106 7.35 10.78 5.74
CA TYR D 106 6.43 11.16 6.80
C TYR D 106 7.17 11.32 8.13
N TYR D 107 8.50 11.16 8.17
CA TYR D 107 9.22 11.32 9.43
C TYR D 107 10.40 12.29 9.29
N THR D 108 10.86 12.99 10.32
CA THR D 108 11.97 13.93 10.18
C THR D 108 13.32 13.25 10.30
N HIS D 109 13.37 12.14 11.02
CA HIS D 109 14.64 11.46 11.33
C HIS D 109 14.71 9.98 11.05
N TRP D 110 15.82 9.45 10.54
CA TRP D 110 15.96 8.02 10.38
C TRP D 110 17.28 7.51 10.95
N ALA D 111 17.33 6.25 11.30
CA ALA D 111 18.55 5.60 11.79
C ALA D 111 18.54 4.11 11.50
N GLY D 112 19.69 3.48 11.46
CA GLY D 112 19.74 2.05 11.22
C GLY D 112 20.42 1.60 9.95
N SER D 113 20.60 0.28 9.84
CA SER D 113 21.20 -0.26 8.64
C SER D 113 20.25 -0.52 7.49
N LEU D 114 20.71 -0.37 6.25
CA LEU D 114 19.91 -0.67 5.06
C LEU D 114 20.63 -1.72 4.26
N LYS D 115 19.96 -2.21 3.23
CA LYS D 115 20.58 -3.14 2.33
C LYS D 115 20.07 -3.06 0.89
N PHE D 116 21.06 -3.08 0.00
CA PHE D 116 20.85 -3.10 -1.44
C PHE D 116 21.03 -4.49 -2.02
N THR D 117 20.03 -4.99 -2.74
CA THR D 117 20.14 -6.28 -3.42
C THR D 117 20.02 -6.07 -4.92
N PHE D 118 20.90 -6.64 -5.73
CA PHE D 118 20.82 -6.52 -7.17
C PHE D 118 20.44 -7.84 -7.84
N LEU D 119 19.62 -7.80 -8.89
CA LEU D 119 19.13 -8.95 -9.65
C LEU D 119 19.68 -8.99 -11.07
N PHE D 120 20.50 -9.95 -11.42
CA PHE D 120 20.99 -10.03 -12.79
C PHE D 120 19.96 -10.62 -13.74
N CYS D 121 19.56 -9.85 -14.73
CA CYS D 121 18.56 -10.31 -15.71
C CYS D 121 19.06 -10.66 -17.10
N GLY D 122 20.35 -10.90 -17.27
CA GLY D 122 20.91 -11.38 -18.54
C GLY D 122 20.63 -12.87 -18.74
N SER D 123 21.22 -13.53 -19.72
CA SER D 123 20.94 -14.93 -19.96
C SER D 123 21.73 -15.88 -19.06
N MET D 124 21.35 -17.17 -18.94
CA MET D 124 22.10 -18.13 -18.13
C MET D 124 23.56 -18.23 -18.56
N MET D 125 23.80 -18.13 -19.87
CA MET D 125 25.14 -18.15 -20.45
C MET D 125 26.03 -16.96 -20.12
N ALA D 126 25.45 -15.85 -19.68
CA ALA D 126 26.23 -14.70 -19.26
C ALA D 126 26.87 -14.83 -17.88
N THR D 127 28.15 -14.52 -17.81
CA THR D 127 28.88 -14.55 -16.53
C THR D 127 29.45 -13.18 -16.20
N GLY D 128 29.84 -12.98 -14.95
CA GLY D 128 30.41 -11.70 -14.56
C GLY D 128 30.75 -11.56 -13.08
N LYS D 129 31.75 -10.73 -12.78
CA LYS D 129 31.97 -10.37 -11.39
C LYS D 129 31.80 -8.85 -11.22
N LEU D 130 30.89 -8.35 -10.38
CA LEU D 130 30.78 -6.90 -10.18
C LEU D 130 31.18 -6.49 -8.78
N LEU D 131 31.60 -5.25 -8.55
CA LEU D 131 31.90 -4.76 -7.21
C LEU D 131 30.86 -3.71 -6.78
N VAL D 132 30.12 -4.02 -5.71
CA VAL D 132 29.13 -3.11 -5.13
C VAL D 132 29.74 -2.47 -3.89
N SER D 133 29.70 -1.15 -3.86
CA SER D 133 30.36 -0.31 -2.86
C SER D 133 29.57 0.68 -2.02
N TYR D 134 29.97 0.80 -0.74
CA TYR D 134 29.50 1.85 0.13
C TYR D 134 30.68 2.51 0.82
N ALA D 135 30.83 3.78 0.49
CA ALA D 135 31.83 4.65 1.08
C ALA D 135 31.19 5.60 2.07
N PRO D 136 31.30 5.42 3.40
CA PRO D 136 30.90 6.46 4.33
C PRO D 136 31.37 7.88 3.99
N PRO D 137 30.70 8.95 4.43
CA PRO D 137 31.01 10.30 4.02
C PRO D 137 32.38 10.85 4.38
N GLY D 138 32.70 12.02 3.82
CA GLY D 138 33.87 12.75 4.24
C GLY D 138 35.06 12.81 3.28
N ALA D 139 35.09 12.03 2.24
CA ALA D 139 36.13 12.08 1.24
C ALA D 139 35.54 12.25 -0.17
N ASP D 140 36.39 12.29 -1.17
CA ASP D 140 35.93 12.33 -2.55
C ASP D 140 35.04 11.15 -2.89
N PRO D 141 33.79 11.40 -3.29
CA PRO D 141 32.91 10.37 -3.79
C PRO D 141 33.52 9.50 -4.84
N PRO D 142 33.52 8.18 -4.68
CA PRO D 142 34.27 7.32 -5.55
C PRO D 142 33.76 7.32 -6.99
N LYS D 143 34.70 7.61 -7.85
CA LYS D 143 34.50 7.57 -9.28
C LYS D 143 35.31 6.51 -10.00
N LYS D 144 36.21 5.90 -9.25
CA LYS D 144 37.01 4.81 -9.79
C LYS D 144 37.00 3.58 -8.90
N ARG D 145 37.03 2.34 -9.39
CA ARG D 145 37.05 1.18 -8.52
C ARG D 145 38.12 1.23 -7.43
N LYS D 146 39.25 1.85 -7.77
CA LYS D 146 40.36 2.07 -6.83
C LYS D 146 39.92 2.70 -5.51
N GLU D 147 39.02 3.67 -5.59
CA GLU D 147 38.52 4.29 -4.41
C GLU D 147 37.45 3.48 -3.72
N ALA D 148 36.48 3.06 -4.54
CA ALA D 148 35.34 2.33 -4.02
C ALA D 148 35.70 1.05 -3.26
N MET D 149 36.72 0.35 -3.75
CA MET D 149 37.29 -0.85 -3.14
C MET D 149 37.66 -0.63 -1.66
N LEU D 150 38.15 0.57 -1.35
CA LEU D 150 38.64 0.89 -0.04
C LEU D 150 37.61 1.07 1.06
N GLY D 151 36.35 1.22 0.64
CA GLY D 151 35.23 1.30 1.55
C GLY D 151 34.54 -0.05 1.74
N THR D 152 33.38 -0.02 2.40
CA THR D 152 32.57 -1.23 2.62
C THR D 152 32.16 -1.80 1.27
N HIS D 153 32.36 -3.06 0.96
CA HIS D 153 31.92 -3.55 -0.34
C HIS D 153 31.68 -5.05 -0.45
N VAL D 154 30.98 -5.46 -1.51
CA VAL D 154 30.78 -6.87 -1.83
C VAL D 154 31.20 -7.12 -3.29
N ILE D 155 31.97 -8.18 -3.54
CA ILE D 155 32.32 -8.57 -4.90
C ILE D 155 31.39 -9.72 -5.20
N TRP D 156 30.45 -9.39 -6.09
CA TRP D 156 29.39 -10.25 -6.56
C TRP D 156 29.76 -11.15 -7.74
N ASP D 157 29.78 -12.46 -7.51
CA ASP D 157 29.99 -13.39 -8.61
C ASP D 157 28.67 -13.85 -9.21
N ILE D 158 28.36 -13.48 -10.46
CA ILE D 158 27.13 -13.91 -11.11
C ILE D 158 27.07 -15.44 -11.39
N GLY D 159 25.92 -16.06 -11.07
CA GLY D 159 25.68 -17.47 -11.24
C GLY D 159 24.26 -17.92 -10.89
N LEU D 160 24.06 -19.14 -10.40
CA LEU D 160 22.74 -19.63 -10.06
C LEU D 160 21.99 -18.82 -9.03
N GLN D 161 22.63 -18.39 -7.94
CA GLN D 161 21.95 -17.50 -7.01
C GLN D 161 21.99 -16.17 -7.75
N SER D 162 20.81 -15.85 -8.24
CA SER D 162 20.60 -14.75 -9.19
C SER D 162 20.91 -13.34 -8.73
N SER D 163 20.77 -13.20 -7.42
CA SER D 163 20.90 -11.91 -6.76
C SER D 163 22.04 -11.84 -5.74
N CYS D 164 22.50 -10.63 -5.45
CA CYS D 164 23.48 -10.42 -4.38
C CYS D 164 23.10 -9.20 -3.57
N THR D 165 23.34 -9.26 -2.26
CA THR D 165 23.02 -8.21 -1.29
C THR D 165 24.24 -7.55 -0.67
N MET D 166 24.28 -6.22 -0.69
CA MET D 166 25.22 -5.46 0.10
C MET D 166 24.50 -4.74 1.25
N VAL D 167 24.96 -4.94 2.46
CA VAL D 167 24.39 -4.26 3.62
C VAL D 167 25.14 -2.97 3.89
N VAL D 168 24.43 -1.85 3.85
CA VAL D 168 24.97 -0.54 4.23
C VAL D 168 24.82 -0.49 5.76
N PRO D 169 25.88 -0.72 6.56
CA PRO D 169 25.75 -0.74 8.02
C PRO D 169 25.52 0.65 8.55
N TRP D 170 24.77 0.80 9.65
CA TRP D 170 24.61 2.10 10.27
C TRP D 170 25.96 2.66 10.69
N ILE D 171 26.44 3.64 9.94
CA ILE D 171 27.68 4.36 10.29
C ILE D 171 27.41 5.85 10.13
N SER D 172 27.23 6.46 11.29
CA SER D 172 26.87 7.86 11.36
C SER D 172 27.48 8.57 12.58
N ASN D 173 27.72 9.89 12.53
CA ASN D 173 28.15 10.63 13.71
C ASN D 173 26.92 10.88 14.56
N THR D 174 25.82 11.33 13.98
CA THR D 174 24.62 11.58 14.74
C THR D 174 23.79 10.36 15.02
N THR D 175 23.04 10.35 16.12
CA THR D 175 22.26 9.16 16.47
C THR D 175 21.06 8.93 15.55
N TYR D 176 20.64 9.98 14.87
CA TYR D 176 19.61 9.93 13.83
C TYR D 176 19.98 10.87 12.70
N ARG D 177 19.71 10.56 11.44
CA ARG D 177 19.94 11.49 10.31
C ARG D 177 18.68 12.23 9.90
N GLN D 178 18.84 13.35 9.21
CA GLN D 178 17.65 14.08 8.73
C GLN D 178 17.07 13.43 7.48
N THR D 179 15.79 13.57 7.23
CA THR D 179 15.21 13.02 6.01
C THR D 179 15.20 14.00 4.86
N ILE D 180 16.18 14.90 4.85
CA ILE D 180 16.35 15.88 3.79
C ILE D 180 17.78 15.90 3.36
N ASP D 181 18.17 16.54 2.27
CA ASP D 181 19.61 16.69 2.05
C ASP D 181 20.25 17.56 3.09
N ASP D 182 21.23 17.02 3.77
CA ASP D 182 21.88 17.78 4.81
C ASP D 182 23.32 17.33 4.92
N SER D 183 24.26 18.26 4.74
CA SER D 183 25.67 17.94 4.92
C SER D 183 26.09 17.48 6.28
N PHE D 184 25.53 18.02 7.36
CA PHE D 184 25.84 17.50 8.68
C PHE D 184 25.50 16.00 8.87
N THR D 185 24.35 15.60 8.34
CA THR D 185 23.91 14.22 8.51
C THR D 185 24.00 13.43 7.21
N GLU D 186 24.99 13.76 6.37
CA GLU D 186 25.14 13.01 5.12
C GLU D 186 25.48 11.53 5.36
N GLY D 187 25.08 10.68 4.43
CA GLY D 187 25.25 9.26 4.60
C GLY D 187 26.36 8.62 3.77
N GLY D 188 26.95 9.27 2.77
CA GLY D 188 27.97 8.60 1.98
C GLY D 188 27.50 8.17 0.59
N TYR D 189 28.28 7.26 0.00
CA TYR D 189 28.13 6.94 -1.41
C TYR D 189 27.99 5.48 -1.77
N ILE D 190 26.87 5.19 -2.48
CA ILE D 190 26.64 3.86 -3.00
C ILE D 190 27.09 3.82 -4.45
N SER D 191 27.88 2.83 -4.85
CA SER D 191 28.26 2.70 -6.25
C SER D 191 28.52 1.27 -6.70
N VAL D 192 28.48 1.04 -8.01
CA VAL D 192 28.70 -0.27 -8.57
C VAL D 192 29.74 -0.24 -9.71
N PHE D 193 30.68 -1.15 -9.77
CA PHE D 193 31.68 -1.24 -10.83
C PHE D 193 31.81 -2.63 -11.42
N TYR D 194 32.40 -2.75 -12.58
CA TYR D 194 32.78 -4.04 -13.13
C TYR D 194 34.02 -4.60 -12.41
N GLN D 195 33.99 -5.79 -11.80
CA GLN D 195 35.19 -6.35 -11.17
C GLN D 195 36.08 -7.02 -12.21
N THR D 196 35.48 -7.88 -13.01
CA THR D 196 36.14 -8.41 -14.19
C THR D 196 35.42 -7.77 -15.38
N ARG D 197 34.51 -8.45 -16.07
CA ARG D 197 33.64 -7.93 -17.11
C ARG D 197 32.52 -8.95 -17.35
N ILE D 198 31.44 -8.57 -18.00
CA ILE D 198 30.41 -9.50 -18.37
C ILE D 198 30.93 -10.24 -19.61
N VAL D 199 30.92 -11.55 -19.56
CA VAL D 199 31.38 -12.33 -20.68
C VAL D 199 30.21 -13.19 -21.15
N VAL D 200 30.01 -13.26 -22.44
CA VAL D 200 28.98 -14.11 -23.02
C VAL D 200 29.54 -14.92 -24.18
N PRO D 201 28.99 -16.09 -24.56
CA PRO D 201 29.49 -16.85 -25.67
C PRO D 201 28.86 -16.26 -26.95
N LEU D 202 28.93 -16.88 -28.11
CA LEU D 202 28.24 -16.39 -29.30
C LEU D 202 26.74 -16.65 -29.21
N SER D 203 25.94 -16.27 -30.20
CA SER D 203 24.47 -16.45 -30.16
C SER D 203 23.78 -15.92 -28.91
N THR D 204 24.44 -15.05 -28.14
CA THR D 204 23.93 -14.56 -26.84
C THR D 204 23.81 -13.06 -26.84
N PRO D 205 22.77 -12.43 -26.27
CA PRO D 205 22.77 -11.00 -26.08
C PRO D 205 23.99 -10.48 -25.36
N ARG D 206 24.51 -9.36 -25.85
CA ARG D 206 25.71 -8.78 -25.27
C ARG D 206 25.46 -7.68 -24.25
N GLU D 207 24.18 -7.36 -24.18
CA GLU D 207 23.73 -6.40 -23.21
C GLU D 207 22.53 -6.91 -22.43
N MET D 208 22.39 -6.43 -21.20
CA MET D 208 21.32 -6.87 -20.33
C MET D 208 21.14 -5.87 -19.21
N ASP D 209 20.14 -6.16 -18.41
CA ASP D 209 19.86 -5.35 -17.28
C ASP D 209 20.00 -6.05 -15.96
N ILE D 210 20.44 -5.24 -15.03
CA ILE D 210 20.33 -5.61 -13.63
C ILE D 210 19.25 -4.69 -13.04
N LEU D 211 18.60 -5.26 -12.05
CA LEU D 211 17.58 -4.56 -11.28
C LEU D 211 18.05 -4.40 -9.85
N GLY D 212 17.81 -3.29 -9.20
CA GLY D 212 18.25 -3.08 -7.83
C GLY D 212 17.07 -2.84 -6.88
N PHE D 213 17.24 -3.28 -5.64
CA PHE D 213 16.24 -3.17 -4.59
C PHE D 213 16.80 -2.64 -3.26
N VAL D 214 15.99 -1.91 -2.51
CA VAL D 214 16.38 -1.45 -1.18
C VAL D 214 15.29 -1.74 -0.16
N SER D 215 15.84 -2.07 0.99
CA SER D 215 15.04 -2.31 2.20
C SER D 215 15.82 -2.10 3.48
N ALA D 216 15.06 -1.91 4.54
CA ALA D 216 15.62 -1.68 5.87
C ALA D 216 16.03 -2.96 6.63
N CYS D 217 17.06 -2.88 7.45
CA CYS D 217 17.33 -3.99 8.35
C CYS D 217 16.49 -3.95 9.63
N ASN D 218 16.47 -4.97 10.47
CA ASN D 218 15.72 -5.00 11.74
C ASN D 218 16.11 -3.96 12.81
N ASP D 219 17.22 -3.25 12.59
CA ASP D 219 17.72 -2.25 13.53
C ASP D 219 17.36 -0.85 13.06
N PHE D 220 16.45 -0.78 12.11
CA PHE D 220 16.14 0.49 11.46
C PHE D 220 14.90 1.17 12.04
N SER D 221 15.02 2.44 12.40
CA SER D 221 13.85 3.15 12.94
C SER D 221 13.71 4.58 12.45
N VAL D 222 12.53 5.15 12.58
CA VAL D 222 12.28 6.56 12.27
C VAL D 222 11.63 7.32 13.44
N ARG D 223 11.62 8.64 13.45
CA ARG D 223 10.87 9.41 14.46
C ARG D 223 10.52 10.83 14.03
N LEU D 224 9.81 11.57 14.86
CA LEU D 224 9.24 12.88 14.55
C LEU D 224 8.37 12.88 13.30
N LEU D 225 7.09 12.55 13.51
CA LEU D 225 6.15 12.46 12.41
C LEU D 225 5.94 13.81 11.68
N ARG D 226 5.82 13.84 10.37
CA ARG D 226 5.69 15.08 9.61
C ARG D 226 4.94 14.89 8.31
N ASP D 227 4.32 15.94 7.80
CA ASP D 227 3.72 15.85 6.48
C ASP D 227 4.71 15.67 5.33
N THR D 228 4.36 14.91 4.32
CA THR D 228 5.23 14.70 3.18
C THR D 228 5.17 15.76 2.10
N THR D 229 6.22 15.91 1.34
CA THR D 229 6.16 16.78 0.16
C THR D 229 5.70 16.03 -1.09
N HIS D 230 5.53 14.70 -0.96
CA HIS D 230 5.19 13.85 -2.07
C HIS D 230 3.73 13.76 -2.49
N ILE D 231 2.92 14.71 -2.02
CA ILE D 231 1.54 14.88 -2.41
C ILE D 231 1.10 16.29 -2.08
N GLU D 232 0.38 16.88 -2.98
CA GLU D 232 -0.26 18.15 -2.68
C GLU D 232 -1.65 18.28 -3.21
N GLN D 233 -2.24 19.41 -2.91
CA GLN D 233 -3.60 19.72 -3.31
C GLN D 233 -3.72 21.16 -3.67
N LYS D 234 -3.06 21.55 -4.75
CA LYS D 234 -3.17 22.92 -5.21
C LYS D 234 -4.61 23.15 -5.67
N ALA D 235 -5.12 24.29 -5.22
CA ALA D 235 -6.53 24.62 -5.24
C ALA D 235 -7.35 23.48 -4.62
N GLY E 1 -11.61 2.28 39.69
CA GLY E 1 -11.41 1.96 38.27
C GLY E 1 -10.17 2.58 37.61
N ALA E 2 -9.25 3.14 38.38
CA ALA E 2 -8.08 3.81 37.82
C ALA E 2 -7.03 2.89 37.23
N GLN E 3 -6.58 3.15 36.02
CA GLN E 3 -5.52 2.38 35.40
C GLN E 3 -4.17 3.09 35.54
N VAL E 4 -3.16 2.42 36.06
CA VAL E 4 -1.86 3.03 36.32
C VAL E 4 -0.80 2.38 35.47
N SER E 5 -0.07 3.12 34.67
CA SER E 5 0.91 2.51 33.80
C SER E 5 2.22 3.26 33.87
N SER E 6 3.32 2.70 33.41
CA SER E 6 4.55 3.44 33.39
C SER E 6 4.80 4.17 32.09
N GLN E 7 5.38 5.33 32.29
CA GLN E 7 5.86 6.10 31.17
C GLN E 7 7.26 5.57 30.76
N LYS E 8 7.68 5.63 29.50
CA LYS E 8 9.08 5.38 29.18
C LYS E 8 9.80 6.75 29.28
N VAL E 9 10.49 7.07 30.38
CA VAL E 9 11.09 8.42 30.51
C VAL E 9 12.30 8.71 29.59
N GLY E 10 12.19 9.69 28.68
CA GLY E 10 13.29 10.06 27.81
C GLY E 10 14.37 10.93 28.47
N ALA E 11 14.20 12.25 28.58
CA ALA E 11 15.10 13.13 29.33
C ALA E 11 14.69 13.17 30.81
N HIS E 12 15.70 13.04 31.66
CA HIS E 12 15.59 12.93 33.11
C HIS E 12 16.01 14.22 33.84
N GLU E 13 15.37 14.53 34.95
CA GLU E 13 15.51 15.82 35.64
C GLU E 13 16.70 16.24 36.55
N SER E 22 13.85 5.69 39.96
CA SER E 22 12.71 4.76 39.86
C SER E 22 11.85 4.86 38.59
N THR E 23 10.69 4.18 38.54
CA THR E 23 9.71 4.26 37.46
C THR E 23 8.69 5.42 37.61
N ILE E 24 8.47 6.25 36.59
CA ILE E 24 7.39 7.21 36.70
C ILE E 24 6.11 6.65 36.06
N ASN E 25 5.03 6.73 36.79
CA ASN E 25 3.74 6.29 36.31
C ASN E 25 2.79 7.39 35.92
N TYR E 26 1.73 7.04 35.21
CA TYR E 26 0.67 7.97 34.95
C TYR E 26 -0.68 7.29 35.14
N THR E 27 -1.73 8.06 35.38
CA THR E 27 -3.03 7.48 35.74
C THR E 27 -4.10 7.73 34.72
N THR E 28 -4.96 6.79 34.48
CA THR E 28 -6.01 6.95 33.48
C THR E 28 -7.33 6.49 34.06
N ILE E 29 -8.37 7.29 34.01
CA ILE E 29 -9.70 6.85 34.35
C ILE E 29 -10.66 7.04 33.17
N ASN E 30 -11.37 6.03 32.71
CA ASN E 30 -12.35 6.24 31.65
C ASN E 30 -13.63 6.80 32.20
N TYR E 31 -14.02 7.93 31.63
CA TYR E 31 -15.21 8.63 32.06
C TYR E 31 -16.51 8.22 31.33
N TYR E 32 -16.44 7.49 30.24
CA TYR E 32 -17.62 7.15 29.47
C TYR E 32 -17.90 5.66 29.32
N ARG E 33 -19.14 5.23 29.05
CA ARG E 33 -19.44 3.82 28.79
C ARG E 33 -18.95 3.25 27.48
N ASP E 34 -18.80 4.07 26.45
CA ASP E 34 -18.45 3.51 25.16
C ASP E 34 -16.96 3.50 24.91
N SER E 35 -16.33 2.36 24.68
CA SER E 35 -14.89 2.27 24.41
C SER E 35 -14.38 3.22 23.31
N ALA E 36 -15.27 3.55 22.40
CA ALA E 36 -15.03 4.57 21.40
C ALA E 36 -14.69 5.95 21.96
N SER E 37 -15.27 6.33 23.08
CA SER E 37 -14.97 7.58 23.74
C SER E 37 -13.58 7.70 24.35
N ASN E 38 -12.97 6.56 24.63
CA ASN E 38 -11.65 6.49 25.26
C ASN E 38 -10.50 7.08 24.44
N ALA E 39 -9.52 7.66 25.12
CA ALA E 39 -8.26 8.03 24.49
C ALA E 39 -7.52 6.78 23.97
N ALA E 40 -6.47 6.98 23.19
CA ALA E 40 -5.65 5.88 22.74
C ALA E 40 -4.66 5.46 23.79
N SER E 41 -4.53 4.20 24.22
CA SER E 41 -3.46 3.87 25.19
C SER E 41 -2.01 3.96 24.74
N LYS E 42 -1.80 3.85 23.42
CA LYS E 42 -0.50 3.71 22.75
C LYS E 42 0.35 2.52 23.24
N GLN E 43 -0.31 1.58 23.92
CA GLN E 43 0.32 0.35 24.42
C GLN E 43 0.20 -0.68 23.30
N ASP E 44 1.05 -0.55 22.31
CA ASP E 44 0.92 -1.39 21.16
C ASP E 44 1.94 -2.49 20.94
N PHE E 45 1.59 -3.51 20.17
CA PHE E 45 2.55 -4.57 19.92
C PHE E 45 3.19 -4.56 18.56
N SER E 46 4.43 -4.96 18.56
CA SER E 46 5.11 -5.17 17.29
C SER E 46 4.94 -6.61 16.84
N GLN E 47 5.18 -6.85 15.58
CA GLN E 47 5.16 -8.18 15.03
C GLN E 47 6.29 -8.34 14.04
N ASP E 48 6.57 -9.57 13.77
CA ASP E 48 7.54 -9.94 12.75
C ASP E 48 7.11 -9.62 11.31
N PRO E 49 8.00 -9.08 10.45
CA PRO E 49 7.68 -8.71 9.08
C PRO E 49 7.47 -9.87 8.10
N SER E 50 7.76 -11.09 8.57
CA SER E 50 7.70 -12.30 7.78
C SER E 50 6.60 -12.51 6.76
N LYS E 51 5.34 -12.19 7.14
CA LYS E 51 4.25 -12.33 6.18
C LYS E 51 4.45 -11.49 4.94
N PHE E 52 5.27 -10.44 4.94
CA PHE E 52 5.53 -9.62 3.75
C PHE E 52 6.94 -9.81 3.20
N THR E 53 7.90 -9.96 4.09
CA THR E 53 9.31 -10.12 3.74
C THR E 53 9.75 -11.54 3.42
N GLU E 54 9.16 -12.52 4.06
CA GLU E 54 9.45 -13.92 3.75
C GLU E 54 8.25 -14.80 3.41
N PRO E 55 7.28 -14.42 2.55
CA PRO E 55 6.04 -15.17 2.32
C PRO E 55 6.24 -16.51 1.59
N ILE E 56 7.41 -17.12 1.58
CA ILE E 56 7.63 -18.38 0.89
C ILE E 56 7.15 -19.58 1.67
N LYS E 57 6.67 -20.58 0.92
CA LYS E 57 6.18 -21.81 1.50
C LYS E 57 7.31 -22.53 2.20
N ASP E 58 8.52 -22.60 1.67
CA ASP E 58 9.60 -23.22 2.45
C ASP E 58 10.55 -22.25 3.14
N VAL E 59 10.46 -22.19 4.47
CA VAL E 59 11.38 -21.46 5.37
C VAL E 59 12.77 -21.16 4.86
N LEU E 60 13.11 -19.88 4.82
CA LEU E 60 14.42 -19.51 4.30
C LEU E 60 15.54 -19.49 5.34
N ILE E 61 16.59 -20.25 5.17
CA ILE E 61 17.77 -20.12 6.04
C ILE E 61 18.79 -19.19 5.38
N LYS E 62 19.01 -17.96 5.84
CA LYS E 62 19.91 -17.01 5.14
C LYS E 62 21.34 -17.41 4.84
N THR E 63 21.93 -18.40 5.51
CA THR E 63 23.28 -18.80 5.15
C THR E 63 23.38 -19.77 3.99
N ALA E 64 22.25 -20.40 3.75
CA ALA E 64 22.08 -21.40 2.69
C ALA E 64 21.69 -20.78 1.35
N PRO E 65 21.92 -21.45 0.21
CA PRO E 65 21.42 -21.03 -1.09
C PRO E 65 19.91 -20.83 -1.08
N MET E 66 19.39 -19.70 -1.54
CA MET E 66 17.94 -19.51 -1.59
C MET E 66 17.32 -20.46 -2.61
N LEU E 67 18.13 -20.89 -3.54
CA LEU E 67 17.75 -21.85 -4.55
C LEU E 67 18.63 -23.07 -4.51
N ASN E 68 18.03 -24.21 -4.32
CA ASN E 68 18.78 -25.44 -4.25
C ASN E 68 17.93 -26.56 -4.86
C1 SPH F . -14.55 2.46 2.89
O1 SPH F . -15.66 1.94 3.64
C2 SPH F . -14.03 3.94 3.01
N2 SPH F . -14.53 4.83 1.98
C3 SPH F . -14.36 4.40 4.45
O3 SPH F . -13.14 3.99 5.04
C4 SPH F . -14.33 5.84 4.84
C5 SPH F . -14.06 6.33 6.07
C6 SPH F . -14.83 6.12 7.33
C7 SPH F . -15.83 7.21 7.61
C8 SPH F . -16.79 6.72 8.69
C9 SPH F . -17.92 7.72 8.84
C10 SPH F . -18.95 7.41 9.93
C11 SPH F . -19.94 8.58 9.98
C12 SPH F . -20.32 8.99 11.38
C13 SPH F . -20.19 10.51 11.50
C14 SPH F . -20.86 10.99 12.78
C15 SPH F . -20.79 12.49 12.97
C16 SPH F . -21.65 12.90 14.14
C17 SPH F . -21.65 14.42 14.36
C18 SPH F . -22.62 14.93 15.47
C1 MYR G . -11.89 3.49 40.10
O1 MYR G . -12.04 4.41 39.29
C2 MYR G . -12.00 3.73 41.59
C3 MYR G . -11.23 4.97 42.06
C4 MYR G . -12.05 6.25 41.82
C5 MYR G . -11.19 7.48 42.05
C6 MYR G . -11.96 8.78 41.79
C7 MYR G . -12.46 8.88 40.35
C8 MYR G . -12.28 10.33 39.82
C9 MYR G . -13.53 10.96 39.24
C10 MYR G . -14.10 10.01 38.21
C11 MYR G . -15.39 10.54 37.60
C12 MYR G . -16.03 9.42 36.83
C13 MYR G . -16.26 9.75 35.37
C14 MYR G . -17.72 9.52 34.93
#